data_2K1H
#
_entry.id   2K1H
#
_entity_poly.entity_id   1
_entity_poly.type   'polypeptide(L)'
_entity_poly.pdbx_seq_one_letter_code
;MEIIAISETPNHNTMKVSLSEPRQDNSFTTYTAAQEGQPEFINRLFEIEGVKSIFYVLDFISIDKEDNANWNELLPQIEN
TFAKSNLEHHHHHH
;
_entity_poly.pdbx_strand_id   A
#
# COMPACT_ATOMS: atom_id res chain seq x y z
N MET A 1 -5.93 2.96 -8.70
CA MET A 1 -5.48 2.10 -9.82
C MET A 1 -3.96 2.10 -9.87
N GLU A 2 -3.37 3.30 -9.84
CA GLU A 2 -1.91 3.44 -9.90
C GLU A 2 -1.43 4.54 -8.97
N ILE A 3 -0.42 4.24 -8.16
CA ILE A 3 0.09 5.22 -7.21
C ILE A 3 0.55 6.50 -7.92
N ILE A 4 -0.06 7.61 -7.56
CA ILE A 4 0.29 8.91 -8.15
C ILE A 4 1.59 9.41 -7.53
N ALA A 5 1.64 9.38 -6.21
CA ALA A 5 2.79 9.88 -5.49
C ALA A 5 2.78 9.38 -4.06
N ILE A 6 3.81 9.77 -3.32
CA ILE A 6 3.97 9.35 -1.93
C ILE A 6 4.26 10.57 -1.04
N SER A 7 3.45 10.75 -0.01
CA SER A 7 3.65 11.86 0.92
C SER A 7 4.58 11.43 2.04
N GLU A 8 5.79 12.00 2.05
CA GLU A 8 6.78 11.68 3.07
C GLU A 8 6.57 12.57 4.28
N THR A 9 5.90 12.03 5.29
CA THR A 9 5.63 12.79 6.51
C THR A 9 6.83 12.69 7.46
N PRO A 10 6.95 13.60 8.40
CA PRO A 10 8.07 13.59 9.40
C PRO A 10 7.99 12.36 10.33
N ASN A 11 7.48 11.24 9.81
CA ASN A 11 7.39 10.01 10.60
C ASN A 11 8.61 9.14 10.35
N HIS A 12 8.53 7.88 10.76
CA HIS A 12 9.65 6.94 10.60
C HIS A 12 9.33 5.90 9.53
N ASN A 13 8.22 5.18 9.71
CA ASN A 13 7.80 4.14 8.76
C ASN A 13 6.35 4.33 8.34
N THR A 14 5.76 5.47 8.68
CA THR A 14 4.37 5.78 8.32
C THR A 14 4.34 6.86 7.25
N MET A 15 3.57 6.61 6.19
CA MET A 15 3.44 7.56 5.09
C MET A 15 2.08 7.41 4.43
N LYS A 16 1.61 8.51 3.83
CA LYS A 16 0.31 8.51 3.14
C LYS A 16 0.51 8.42 1.64
N VAL A 17 -0.26 7.55 0.99
CA VAL A 17 -0.16 7.37 -0.46
C VAL A 17 -1.40 7.95 -1.12
N SER A 18 -1.22 9.06 -1.84
CA SER A 18 -2.32 9.72 -2.55
C SER A 18 -2.43 9.16 -3.97
N LEU A 19 -3.66 8.86 -4.38
CA LEU A 19 -3.90 8.28 -5.70
C LEU A 19 -5.39 8.32 -6.03
N SER A 20 -5.71 8.39 -7.31
CA SER A 20 -7.10 8.43 -7.75
C SER A 20 -7.68 7.03 -7.85
N GLU A 21 -8.16 6.50 -6.72
CA GLU A 21 -8.75 5.16 -6.69
C GLU A 21 -10.28 5.27 -6.86
N PRO A 22 -10.92 4.22 -7.35
CA PRO A 22 -12.40 4.20 -7.55
C PRO A 22 -13.13 4.36 -6.21
N ARG A 23 -14.24 5.12 -6.25
CA ARG A 23 -15.06 5.38 -5.07
C ARG A 23 -16.26 4.42 -5.07
N GLN A 24 -16.26 3.47 -5.99
CA GLN A 24 -17.37 2.52 -6.09
C GLN A 24 -17.63 1.87 -4.73
N ASP A 25 -16.56 1.37 -4.11
CA ASP A 25 -16.65 0.70 -2.79
C ASP A 25 -15.65 1.33 -1.82
N ASN A 26 -15.80 2.63 -1.57
CA ASN A 26 -14.91 3.33 -0.65
C ASN A 26 -15.20 2.91 0.79
N SER A 27 -15.24 1.60 1.02
CA SER A 27 -15.49 1.06 2.35
C SER A 27 -14.18 1.01 3.13
N PHE A 28 -14.29 1.10 4.46
CA PHE A 28 -13.11 1.05 5.33
C PHE A 28 -12.98 -0.33 5.96
N THR A 29 -11.78 -0.90 5.87
CA THR A 29 -11.52 -2.22 6.42
C THR A 29 -10.03 -2.48 6.48
N THR A 30 -9.57 -3.03 7.60
CA THR A 30 -8.15 -3.34 7.78
C THR A 30 -7.87 -4.81 7.46
N TYR A 31 -7.07 -5.03 6.43
CA TYR A 31 -6.70 -6.38 6.01
C TYR A 31 -5.23 -6.42 5.58
N THR A 32 -4.67 -7.63 5.56
CA THR A 32 -3.29 -7.82 5.14
C THR A 32 -2.98 -9.31 5.01
N ALA A 33 -2.66 -9.74 3.79
CA ALA A 33 -2.34 -11.14 3.54
C ALA A 33 -2.24 -11.40 2.04
N ALA A 34 -1.16 -12.05 1.61
CA ALA A 34 -0.98 -12.39 0.20
C ALA A 34 -1.80 -13.63 -0.15
N GLN A 35 -2.76 -13.46 -1.06
CA GLN A 35 -3.61 -14.57 -1.50
C GLN A 35 -4.00 -14.39 -2.96
N GLU A 36 -4.23 -15.50 -3.64
CA GLU A 36 -4.59 -15.46 -5.06
C GLU A 36 -6.00 -14.88 -5.23
N GLY A 37 -6.17 -14.08 -6.29
CA GLY A 37 -7.46 -13.47 -6.58
C GLY A 37 -7.61 -12.14 -5.84
N GLN A 38 -6.67 -11.86 -4.94
CA GLN A 38 -6.71 -10.61 -4.17
C GLN A 38 -5.78 -9.55 -4.78
N PRO A 39 -6.13 -8.28 -4.68
CA PRO A 39 -5.27 -7.18 -5.22
C PRO A 39 -3.78 -7.40 -4.95
N GLU A 40 -2.98 -7.32 -6.02
CA GLU A 40 -1.53 -7.50 -5.90
C GLU A 40 -0.92 -6.32 -5.17
N PHE A 41 -1.59 -5.17 -5.22
CA PHE A 41 -1.09 -3.97 -4.56
C PHE A 41 -1.04 -4.15 -3.05
N ILE A 42 -1.70 -5.20 -2.56
CA ILE A 42 -1.75 -5.49 -1.11
C ILE A 42 -0.94 -6.74 -0.80
N ASN A 43 -1.00 -7.73 -1.69
CA ASN A 43 -0.30 -8.97 -1.47
C ASN A 43 1.22 -8.75 -1.45
N ARG A 44 1.69 -7.87 -2.32
CA ARG A 44 3.12 -7.59 -2.39
C ARG A 44 3.63 -7.02 -1.07
N LEU A 45 2.79 -6.22 -0.42
CA LEU A 45 3.17 -5.62 0.86
C LEU A 45 3.31 -6.68 1.93
N PHE A 46 2.46 -7.70 1.91
CA PHE A 46 2.53 -8.74 2.91
C PHE A 46 3.82 -9.54 2.78
N GLU A 47 4.44 -9.50 1.60
CA GLU A 47 5.66 -10.26 1.38
C GLU A 47 6.83 -9.65 2.17
N ILE A 48 6.57 -8.51 2.83
CA ILE A 48 7.61 -7.82 3.62
C ILE A 48 7.22 -7.77 5.08
N GLU A 49 8.17 -8.09 5.95
CA GLU A 49 7.91 -8.07 7.38
C GLU A 49 7.83 -6.62 7.86
N GLY A 50 6.81 -6.30 8.66
CA GLY A 50 6.65 -4.96 9.19
C GLY A 50 5.19 -4.55 9.15
N VAL A 51 4.54 -4.80 8.03
CA VAL A 51 3.12 -4.46 7.91
C VAL A 51 2.28 -5.28 8.87
N LYS A 52 1.36 -4.60 9.55
CA LYS A 52 0.45 -5.26 10.51
C LYS A 52 -0.99 -5.09 10.08
N SER A 53 -1.28 -3.98 9.41
CA SER A 53 -2.64 -3.72 8.93
C SER A 53 -2.61 -2.66 7.83
N ILE A 54 -3.62 -2.71 6.95
CA ILE A 54 -3.74 -1.75 5.85
C ILE A 54 -5.18 -1.26 5.76
N PHE A 55 -5.34 0.05 5.81
CA PHE A 55 -6.67 0.68 5.71
C PHE A 55 -6.90 1.22 4.32
N TYR A 56 -8.05 0.87 3.75
CA TYR A 56 -8.45 1.33 2.41
C TYR A 56 -9.76 2.11 2.51
N VAL A 57 -9.70 3.39 2.14
CA VAL A 57 -10.89 4.24 2.15
C VAL A 57 -10.64 5.51 1.35
N LEU A 58 -11.69 5.96 0.67
CA LEU A 58 -11.61 7.18 -0.13
C LEU A 58 -10.56 7.02 -1.26
N ASP A 59 -9.95 8.14 -1.64
CA ASP A 59 -8.95 8.18 -2.69
C ASP A 59 -7.53 8.14 -2.10
N PHE A 60 -7.43 7.74 -0.83
CA PHE A 60 -6.13 7.65 -0.15
C PHE A 60 -6.10 6.42 0.75
N ILE A 61 -4.90 5.94 1.04
CA ILE A 61 -4.71 4.78 1.91
C ILE A 61 -3.61 5.07 2.93
N SER A 62 -3.69 4.37 4.07
CA SER A 62 -2.69 4.51 5.14
C SER A 62 -2.14 3.13 5.48
N ILE A 63 -0.82 2.98 5.39
CA ILE A 63 -0.15 1.71 5.66
C ILE A 63 0.63 1.80 6.97
N ASP A 64 0.37 0.85 7.86
CA ASP A 64 1.04 0.78 9.16
C ASP A 64 2.13 -0.30 9.14
N LYS A 65 3.37 0.11 9.39
CA LYS A 65 4.51 -0.81 9.40
C LYS A 65 5.42 -0.53 10.59
N GLU A 66 6.04 -1.58 11.09
CA GLU A 66 6.94 -1.45 12.22
C GLU A 66 8.06 -0.48 11.88
N ASP A 67 8.88 -0.16 12.88
CA ASP A 67 10.01 0.75 12.71
C ASP A 67 11.13 0.07 11.92
N ASN A 68 11.05 -1.26 11.78
CA ASN A 68 12.09 -2.02 11.08
C ASN A 68 11.77 -2.16 9.60
N ALA A 69 10.79 -1.38 9.13
CA ALA A 69 10.39 -1.42 7.71
C ALA A 69 10.99 -0.24 6.97
N ASN A 70 11.30 -0.41 5.69
CA ASN A 70 11.88 0.66 4.88
C ASN A 70 11.23 0.63 3.49
N TRP A 71 10.60 1.74 3.12
CA TRP A 71 9.95 1.83 1.83
C TRP A 71 10.96 1.75 0.69
N ASN A 72 12.23 1.96 1.03
CA ASN A 72 13.29 1.91 0.02
C ASN A 72 13.33 0.54 -0.64
N GLU A 73 12.77 -0.47 0.03
CA GLU A 73 12.77 -1.83 -0.51
C GLU A 73 11.43 -2.14 -1.18
N LEU A 74 10.35 -1.52 -0.69
CA LEU A 74 9.03 -1.75 -1.27
C LEU A 74 8.90 -1.12 -2.65
N LEU A 75 9.48 0.08 -2.81
CA LEU A 75 9.42 0.80 -4.10
C LEU A 75 9.56 -0.17 -5.27
N PRO A 76 10.69 -0.83 -5.39
CA PRO A 76 10.91 -1.80 -6.51
C PRO A 76 9.94 -2.98 -6.43
N GLN A 77 9.41 -3.26 -5.24
CA GLN A 77 8.49 -4.39 -5.07
C GLN A 77 7.11 -4.07 -5.64
N ILE A 78 6.53 -2.97 -5.18
CA ILE A 78 5.20 -2.54 -5.63
C ILE A 78 5.25 -2.01 -7.05
N GLU A 79 6.30 -1.24 -7.36
CA GLU A 79 6.45 -0.65 -8.69
C GLU A 79 6.30 -1.72 -9.76
N ASN A 80 6.69 -2.95 -9.42
CA ASN A 80 6.58 -4.06 -10.34
C ASN A 80 5.11 -4.31 -10.68
N THR A 81 4.25 -4.25 -9.67
CA THR A 81 2.82 -4.49 -9.88
C THR A 81 2.24 -3.46 -10.83
N PHE A 82 2.49 -2.18 -10.56
CA PHE A 82 1.99 -1.11 -11.40
C PHE A 82 2.67 -1.13 -12.76
N ALA A 83 3.98 -1.36 -12.76
CA ALA A 83 4.75 -1.38 -14.00
C ALA A 83 4.14 -2.38 -14.97
N LYS A 84 3.71 -3.53 -14.45
CA LYS A 84 3.11 -4.54 -15.30
C LYS A 84 1.83 -4.03 -15.95
N SER A 85 0.85 -3.69 -15.13
CA SER A 85 -0.42 -3.21 -15.65
C SER A 85 -0.20 -1.96 -16.50
N ASN A 86 0.59 -1.03 -15.98
CA ASN A 86 0.87 0.21 -16.69
C ASN A 86 1.73 -0.07 -17.92
N MET A 1 -6.26 3.92 -9.10
CA MET A 1 -5.79 3.12 -10.27
C MET A 1 -4.28 2.94 -10.17
N GLU A 2 -3.57 4.04 -9.93
CA GLU A 2 -2.10 3.99 -9.83
C GLU A 2 -1.59 5.08 -8.91
N ILE A 3 -0.57 4.75 -8.11
CA ILE A 3 -0.03 5.71 -7.18
C ILE A 3 0.47 6.97 -7.90
N ILE A 4 -0.12 8.09 -7.53
CA ILE A 4 0.28 9.38 -8.12
C ILE A 4 1.60 9.84 -7.54
N ALA A 5 1.71 9.74 -6.22
CA ALA A 5 2.91 10.19 -5.54
C ALA A 5 2.89 9.71 -4.10
N ILE A 6 3.95 10.05 -3.36
CA ILE A 6 4.08 9.66 -1.96
C ILE A 6 4.43 10.88 -1.11
N SER A 7 3.67 11.10 -0.05
CA SER A 7 3.91 12.23 0.86
C SER A 7 4.75 11.77 2.04
N GLU A 8 5.98 12.27 2.10
CA GLU A 8 6.90 11.92 3.19
C GLU A 8 6.60 12.76 4.41
N THR A 9 5.90 12.18 5.37
CA THR A 9 5.54 12.87 6.60
C THR A 9 6.68 12.80 7.61
N PRO A 10 6.72 13.69 8.57
CA PRO A 10 7.79 13.71 9.63
C PRO A 10 7.72 12.47 10.53
N ASN A 11 7.24 11.35 9.97
CA ASN A 11 7.14 10.10 10.73
C ASN A 11 8.36 9.23 10.45
N HIS A 12 8.30 7.97 10.90
CA HIS A 12 9.41 7.04 10.70
C HIS A 12 9.04 5.94 9.70
N ASN A 13 8.00 5.18 10.02
CA ASN A 13 7.54 4.06 9.17
C ASN A 13 6.13 4.31 8.65
N THR A 14 5.58 5.50 8.94
CA THR A 14 4.22 5.85 8.49
C THR A 14 4.30 6.87 7.37
N MET A 15 3.63 6.60 6.25
CA MET A 15 3.62 7.51 5.11
C MET A 15 2.24 7.49 4.46
N LYS A 16 1.86 8.63 3.86
CA LYS A 16 0.56 8.76 3.20
C LYS A 16 0.74 8.73 1.70
N VAL A 17 -0.05 7.90 1.01
CA VAL A 17 0.01 7.80 -0.45
C VAL A 17 -1.21 8.46 -1.06
N SER A 18 -0.99 9.57 -1.78
CA SER A 18 -2.08 10.31 -2.42
C SER A 18 -2.27 9.80 -3.85
N LEU A 19 -3.51 9.45 -4.19
CA LEU A 19 -3.84 8.93 -5.51
C LEU A 19 -5.34 9.04 -5.76
N SER A 20 -5.71 9.20 -7.02
CA SER A 20 -7.11 9.31 -7.40
C SER A 20 -7.73 7.93 -7.62
N GLU A 21 -8.06 7.24 -6.54
CA GLU A 21 -8.66 5.91 -6.63
C GLU A 21 -10.15 6.03 -7.02
N PRO A 22 -10.71 5.00 -7.60
CA PRO A 22 -12.15 4.98 -8.00
C PRO A 22 -13.07 5.10 -6.78
N ARG A 23 -14.16 5.86 -6.94
CA ARG A 23 -15.13 6.06 -5.86
C ARG A 23 -16.25 5.03 -5.98
N GLN A 24 -16.02 4.02 -6.81
CA GLN A 24 -17.03 2.98 -6.99
C GLN A 24 -17.36 2.34 -5.65
N ASP A 25 -16.33 1.91 -4.92
CA ASP A 25 -16.52 1.26 -3.61
C ASP A 25 -15.46 1.75 -2.62
N ASN A 26 -15.46 3.06 -2.36
CA ASN A 26 -14.51 3.64 -1.41
C ASN A 26 -14.87 3.25 0.01
N SER A 27 -15.15 1.97 0.21
CA SER A 27 -15.50 1.46 1.53
C SER A 27 -14.22 1.16 2.30
N PHE A 28 -14.36 0.95 3.61
CA PHE A 28 -13.22 0.66 4.47
C PHE A 28 -13.16 -0.84 4.78
N THR A 29 -11.97 -1.42 4.63
CA THR A 29 -11.78 -2.84 4.88
C THR A 29 -10.31 -3.12 5.12
N THR A 30 -9.97 -3.49 6.34
CA THR A 30 -8.58 -3.78 6.70
C THR A 30 -8.29 -5.27 6.58
N TYR A 31 -7.28 -5.60 5.78
CA TYR A 31 -6.87 -6.99 5.57
C TYR A 31 -5.35 -7.09 5.51
N THR A 32 -4.85 -8.31 5.52
CA THR A 32 -3.42 -8.56 5.42
C THR A 32 -3.14 -10.04 5.23
N ALA A 33 -2.63 -10.41 4.06
CA ALA A 33 -2.28 -11.81 3.78
C ALA A 33 -2.02 -12.00 2.29
N ALA A 34 -0.94 -12.70 1.95
CA ALA A 34 -0.62 -12.99 0.56
C ALA A 34 -1.42 -14.19 0.07
N GLN A 35 -2.35 -13.95 -0.86
CA GLN A 35 -3.19 -15.02 -1.42
C GLN A 35 -3.48 -14.74 -2.89
N GLU A 36 -3.66 -15.81 -3.65
CA GLU A 36 -3.94 -15.68 -5.08
C GLU A 36 -5.33 -15.11 -5.30
N GLY A 37 -5.44 -14.21 -6.27
CA GLY A 37 -6.71 -13.59 -6.60
C GLY A 37 -6.95 -12.34 -5.77
N GLN A 38 -6.14 -12.16 -4.72
CA GLN A 38 -6.28 -11.01 -3.84
C GLN A 38 -5.39 -9.84 -4.32
N PRO A 39 -5.77 -8.61 -4.05
CA PRO A 39 -4.97 -7.41 -4.44
C PRO A 39 -3.46 -7.63 -4.26
N GLU A 40 -2.73 -7.56 -5.37
CA GLU A 40 -1.28 -7.74 -5.32
C GLU A 40 -0.65 -6.62 -4.51
N PHE A 41 -1.34 -5.51 -4.41
CA PHE A 41 -0.83 -4.36 -3.67
C PHE A 41 -0.80 -4.66 -2.17
N ILE A 42 -1.39 -5.78 -1.77
CA ILE A 42 -1.42 -6.18 -0.36
C ILE A 42 -0.55 -7.42 -0.16
N ASN A 43 -0.62 -8.34 -1.09
CA ASN A 43 0.14 -9.56 -0.97
C ASN A 43 1.63 -9.29 -0.97
N ARG A 44 2.05 -8.37 -1.81
CA ARG A 44 3.46 -8.01 -1.90
C ARG A 44 3.98 -7.48 -0.58
N LEU A 45 3.11 -6.79 0.15
CA LEU A 45 3.50 -6.21 1.43
C LEU A 45 3.83 -7.31 2.44
N PHE A 46 3.07 -8.40 2.44
CA PHE A 46 3.31 -9.46 3.39
C PHE A 46 4.63 -10.16 3.09
N GLU A 47 5.13 -10.03 1.87
CA GLU A 47 6.37 -10.69 1.48
C GLU A 47 7.54 -10.24 2.35
N ILE A 48 7.43 -9.05 2.94
CA ILE A 48 8.47 -8.49 3.81
C ILE A 48 7.91 -8.18 5.18
N GLU A 49 8.71 -8.44 6.21
CA GLU A 49 8.29 -8.17 7.58
C GLU A 49 8.15 -6.66 7.82
N GLY A 50 7.09 -6.26 8.52
CA GLY A 50 6.87 -4.85 8.82
C GLY A 50 5.40 -4.50 8.77
N VAL A 51 4.77 -4.78 7.65
CA VAL A 51 3.35 -4.48 7.48
C VAL A 51 2.51 -5.22 8.51
N LYS A 52 1.69 -4.49 9.25
CA LYS A 52 0.81 -5.09 10.27
C LYS A 52 -0.62 -5.10 9.76
N SER A 53 -0.95 -4.11 8.93
CA SER A 53 -2.30 -4.01 8.38
C SER A 53 -2.32 -2.99 7.24
N ILE A 54 -3.37 -3.08 6.41
CA ILE A 54 -3.53 -2.17 5.27
C ILE A 54 -4.89 -1.51 5.33
N PHE A 55 -4.91 -0.18 5.16
CA PHE A 55 -6.15 0.59 5.18
C PHE A 55 -6.43 1.12 3.79
N TYR A 56 -7.60 0.77 3.26
CA TYR A 56 -8.04 1.23 1.94
C TYR A 56 -9.37 1.95 2.08
N VAL A 57 -9.34 3.26 1.84
CA VAL A 57 -10.56 4.06 1.90
C VAL A 57 -10.34 5.41 1.24
N LEU A 58 -11.40 5.96 0.67
CA LEU A 58 -11.31 7.27 0.02
C LEU A 58 -10.23 7.26 -1.08
N ASP A 59 -9.73 8.44 -1.40
CA ASP A 59 -8.71 8.60 -2.42
C ASP A 59 -7.31 8.58 -1.81
N PHE A 60 -7.23 8.17 -0.54
CA PHE A 60 -5.93 8.10 0.16
C PHE A 60 -5.88 6.83 1.00
N ILE A 61 -4.67 6.30 1.19
CA ILE A 61 -4.46 5.09 1.97
C ILE A 61 -3.30 5.29 2.94
N SER A 62 -3.29 4.50 4.01
CA SER A 62 -2.22 4.55 5.02
C SER A 62 -1.76 3.14 5.34
N ILE A 63 -0.46 2.88 5.17
CA ILE A 63 0.13 1.57 5.46
C ILE A 63 0.91 1.62 6.76
N ASP A 64 0.61 0.69 7.65
CA ASP A 64 1.29 0.61 8.94
C ASP A 64 2.42 -0.41 8.88
N LYS A 65 3.66 0.07 8.95
CA LYS A 65 4.85 -0.78 8.89
C LYS A 65 5.70 -0.61 10.13
N GLU A 66 6.31 -1.68 10.59
CA GLU A 66 7.16 -1.63 11.78
C GLU A 66 8.28 -0.62 11.57
N ASP A 67 8.94 -0.26 12.67
CA ASP A 67 10.05 0.69 12.62
C ASP A 67 11.27 0.06 11.95
N ASN A 68 11.31 -1.27 11.89
CA ASN A 68 12.45 -1.98 11.29
C ASN A 68 12.22 -2.21 9.79
N ALA A 69 11.26 -1.48 9.22
CA ALA A 69 10.95 -1.60 7.79
C ALA A 69 11.19 -0.28 7.08
N ASN A 70 11.29 -0.35 5.77
CA ASN A 70 11.53 0.85 4.95
C ASN A 70 10.82 0.74 3.59
N TRP A 71 10.13 1.81 3.23
CA TRP A 71 9.39 1.84 1.97
C TRP A 71 10.35 1.69 0.80
N ASN A 72 11.63 1.92 1.06
CA ASN A 72 12.65 1.80 0.01
C ASN A 72 12.62 0.42 -0.63
N GLU A 73 12.23 -0.58 0.17
CA GLU A 73 12.16 -1.96 -0.33
C GLU A 73 10.83 -2.21 -1.03
N LEU A 74 9.75 -1.64 -0.50
CA LEU A 74 8.43 -1.84 -1.09
C LEU A 74 8.29 -1.09 -2.40
N LEU A 75 8.83 0.13 -2.44
CA LEU A 75 8.76 0.97 -3.63
C LEU A 75 8.98 0.14 -4.91
N PRO A 76 10.14 -0.45 -5.07
CA PRO A 76 10.43 -1.27 -6.27
C PRO A 76 9.52 -2.49 -6.37
N GLN A 77 9.01 -2.96 -5.23
CA GLN A 77 8.13 -4.14 -5.23
C GLN A 77 6.72 -3.81 -5.68
N ILE A 78 6.11 -2.85 -5.00
CA ILE A 78 4.74 -2.44 -5.30
C ILE A 78 4.68 -1.72 -6.65
N GLU A 79 5.64 -0.83 -6.89
CA GLU A 79 5.66 -0.07 -8.13
C GLU A 79 5.53 -1.00 -9.33
N ASN A 80 6.13 -2.16 -9.22
CA ASN A 80 6.06 -3.15 -10.29
C ASN A 80 4.63 -3.65 -10.45
N THR A 81 3.88 -3.65 -9.35
CA THR A 81 2.51 -4.13 -9.38
C THR A 81 1.66 -3.31 -10.35
N PHE A 82 1.77 -1.98 -10.24
CA PHE A 82 1.02 -1.09 -11.11
C PHE A 82 1.51 -1.19 -12.54
N ALA A 83 2.82 -1.35 -12.70
CA ALA A 83 3.40 -1.45 -14.04
C ALA A 83 2.78 -2.61 -14.80
N LYS A 84 2.59 -3.73 -14.13
CA LYS A 84 2.00 -4.91 -14.76
C LYS A 84 0.48 -4.78 -14.85
N SER A 85 -0.07 -3.84 -14.08
CA SER A 85 -1.52 -3.62 -14.09
C SER A 85 -1.92 -2.68 -15.21
N ASN A 86 -1.30 -2.86 -16.37
CA ASN A 86 -1.60 -2.01 -17.53
C ASN A 86 -0.90 -2.55 -18.78
N MET A 1 -6.23 2.34 -9.72
CA MET A 1 -5.34 1.57 -8.82
C MET A 1 -3.89 1.79 -9.25
N GLU A 2 -3.59 3.00 -9.72
CA GLU A 2 -2.23 3.34 -10.19
C GLU A 2 -1.64 4.48 -9.37
N ILE A 3 -0.56 4.19 -8.64
CA ILE A 3 0.06 5.20 -7.80
C ILE A 3 0.44 6.46 -8.59
N ILE A 4 -0.01 7.60 -8.06
CA ILE A 4 0.28 8.92 -8.68
C ILE A 4 1.55 9.50 -8.07
N ALA A 5 1.67 9.37 -6.76
CA ALA A 5 2.81 9.91 -6.06
C ALA A 5 2.82 9.45 -4.60
N ILE A 6 3.93 9.69 -3.92
CA ILE A 6 4.09 9.29 -2.52
C ILE A 6 4.28 10.54 -1.68
N SER A 7 3.49 10.66 -0.61
CA SER A 7 3.59 11.83 0.29
C SER A 7 4.28 11.41 1.59
N GLU A 8 5.52 11.85 1.77
CA GLU A 8 6.28 11.53 2.98
C GLU A 8 5.83 12.45 4.11
N THR A 9 5.24 11.88 5.17
CA THR A 9 4.75 12.68 6.30
C THR A 9 5.85 12.82 7.37
N PRO A 10 5.61 13.58 8.42
CA PRO A 10 6.62 13.76 9.50
C PRO A 10 6.87 12.46 10.29
N ASN A 11 6.41 11.31 9.75
CA ASN A 11 6.58 10.02 10.42
C ASN A 11 7.81 9.31 9.90
N HIS A 12 8.06 8.10 10.43
CA HIS A 12 9.23 7.29 10.04
C HIS A 12 8.79 6.05 9.25
N ASN A 13 7.98 5.20 9.88
CA ASN A 13 7.50 3.96 9.25
C ASN A 13 6.08 4.10 8.70
N THR A 14 5.54 5.33 8.72
CA THR A 14 4.18 5.59 8.21
C THR A 14 4.27 6.54 7.01
N MET A 15 3.61 6.16 5.91
CA MET A 15 3.63 6.98 4.69
C MET A 15 2.24 6.96 4.04
N LYS A 16 1.91 8.04 3.32
CA LYS A 16 0.61 8.16 2.63
C LYS A 16 0.80 8.06 1.13
N VAL A 17 -0.04 7.26 0.48
CA VAL A 17 0.03 7.10 -0.98
C VAL A 17 -1.14 7.81 -1.62
N SER A 18 -0.85 8.82 -2.41
CA SER A 18 -1.85 9.62 -3.09
C SER A 18 -2.13 9.03 -4.47
N LEU A 19 -3.42 8.78 -4.77
CA LEU A 19 -3.80 8.19 -6.05
C LEU A 19 -5.31 8.24 -6.23
N SER A 20 -5.76 8.15 -7.49
CA SER A 20 -7.20 8.18 -7.79
C SER A 20 -7.74 6.76 -7.92
N GLU A 21 -8.29 6.23 -6.83
CA GLU A 21 -8.86 4.88 -6.80
C GLU A 21 -10.30 4.89 -6.28
N PRO A 22 -11.12 5.80 -6.77
CA PRO A 22 -12.56 5.89 -6.32
C PRO A 22 -13.37 4.69 -6.81
N ARG A 23 -14.47 4.39 -6.09
CA ARG A 23 -15.33 3.28 -6.45
C ARG A 23 -16.77 3.52 -6.01
N GLN A 24 -17.53 2.45 -5.83
CA GLN A 24 -18.93 2.55 -5.42
C GLN A 24 -19.09 3.53 -4.25
N ASP A 25 -18.65 3.11 -3.07
CA ASP A 25 -18.74 3.94 -1.87
C ASP A 25 -17.51 3.77 -0.97
N ASN A 26 -16.32 4.03 -1.51
CA ASN A 26 -15.08 3.92 -0.73
C ASN A 26 -14.96 2.56 -0.05
N SER A 27 -15.76 2.36 0.98
CA SER A 27 -15.75 1.11 1.73
C SER A 27 -14.44 0.96 2.47
N PHE A 28 -14.50 1.07 3.79
CA PHE A 28 -13.32 0.95 4.63
C PHE A 28 -13.23 -0.46 5.24
N THR A 29 -12.08 -1.09 5.05
CA THR A 29 -11.86 -2.44 5.56
C THR A 29 -10.38 -2.75 5.54
N THR A 30 -9.76 -2.81 6.72
CA THR A 30 -8.33 -3.08 6.81
C THR A 30 -8.06 -4.57 6.66
N TYR A 31 -7.19 -4.90 5.69
CA TYR A 31 -6.81 -6.30 5.40
C TYR A 31 -5.32 -6.38 5.10
N THR A 32 -4.77 -7.58 5.14
CA THR A 32 -3.36 -7.81 4.85
C THR A 32 -3.07 -9.30 4.70
N ALA A 33 -2.66 -9.71 3.49
CA ALA A 33 -2.35 -11.12 3.22
C ALA A 33 -2.13 -11.34 1.72
N ALA A 34 -1.05 -12.05 1.39
CA ALA A 34 -0.73 -12.38 0.00
C ALA A 34 -1.51 -13.62 -0.45
N GLN A 35 -2.33 -13.45 -1.48
CA GLN A 35 -3.12 -14.56 -2.01
C GLN A 35 -3.75 -14.18 -3.34
N GLU A 36 -4.30 -15.17 -4.04
CA GLU A 36 -4.93 -14.92 -5.34
C GLU A 36 -6.31 -14.32 -5.15
N GLY A 37 -6.67 -13.39 -6.02
CA GLY A 37 -7.98 -12.72 -5.96
C GLY A 37 -7.90 -11.38 -5.23
N GLN A 38 -6.93 -11.24 -4.32
CA GLN A 38 -6.78 -10.00 -3.54
C GLN A 38 -5.81 -9.04 -4.27
N PRO A 39 -5.99 -7.74 -4.17
CA PRO A 39 -5.07 -6.75 -4.83
C PRO A 39 -3.59 -7.10 -4.68
N GLU A 40 -2.89 -7.13 -5.80
CA GLU A 40 -1.46 -7.44 -5.80
C GLU A 40 -0.69 -6.39 -5.00
N PHE A 41 -1.27 -5.19 -4.85
CA PHE A 41 -0.60 -4.13 -4.12
C PHE A 41 -0.38 -4.54 -2.67
N ILE A 42 -1.42 -5.05 -2.05
CA ILE A 42 -1.35 -5.51 -0.66
C ILE A 42 -0.49 -6.74 -0.55
N ASN A 43 -0.63 -7.65 -1.51
CA ASN A 43 0.12 -8.88 -1.46
C ASN A 43 1.61 -8.61 -1.43
N ARG A 44 2.05 -7.60 -2.15
CA ARG A 44 3.47 -7.26 -2.19
C ARG A 44 3.95 -6.84 -0.80
N LEU A 45 3.13 -6.08 -0.09
CA LEU A 45 3.49 -5.62 1.24
C LEU A 45 3.70 -6.80 2.19
N PHE A 46 2.84 -7.81 2.13
CA PHE A 46 2.97 -8.97 3.01
C PHE A 46 4.16 -9.84 2.61
N GLU A 47 5.03 -9.28 1.75
CA GLU A 47 6.23 -10.00 1.29
C GLU A 47 7.41 -9.72 2.23
N ILE A 48 7.34 -8.59 2.96
CA ILE A 48 8.41 -8.19 3.89
C ILE A 48 7.87 -8.04 5.31
N GLU A 49 8.67 -8.47 6.27
CA GLU A 49 8.29 -8.38 7.67
C GLU A 49 8.18 -6.93 8.12
N GLY A 50 7.23 -6.66 9.02
CA GLY A 50 7.03 -5.32 9.56
C GLY A 50 5.60 -4.84 9.35
N VAL A 51 4.97 -5.25 8.25
CA VAL A 51 3.60 -4.82 7.99
C VAL A 51 2.66 -5.34 9.06
N LYS A 52 2.11 -4.41 9.85
CA LYS A 52 1.18 -4.76 10.91
C LYS A 52 -0.23 -4.83 10.37
N SER A 53 -0.62 -3.81 9.59
CA SER A 53 -1.96 -3.77 9.00
C SER A 53 -2.00 -2.73 7.89
N ILE A 54 -3.06 -2.77 7.09
CA ILE A 54 -3.26 -1.82 5.98
C ILE A 54 -4.67 -1.28 6.02
N PHE A 55 -4.84 -0.06 5.51
CA PHE A 55 -6.15 0.61 5.47
C PHE A 55 -6.49 1.02 4.05
N TYR A 56 -7.70 0.66 3.61
CA TYR A 56 -8.19 1.01 2.27
C TYR A 56 -9.49 1.79 2.38
N VAL A 57 -9.45 3.07 2.01
CA VAL A 57 -10.65 3.91 2.07
C VAL A 57 -10.44 5.20 1.27
N LEU A 58 -11.53 5.74 0.72
CA LEU A 58 -11.46 6.97 -0.05
C LEU A 58 -10.50 6.80 -1.25
N ASP A 59 -9.84 7.89 -1.64
CA ASP A 59 -8.90 7.88 -2.76
C ASP A 59 -7.46 7.80 -2.26
N PHE A 60 -7.27 7.44 -0.98
CA PHE A 60 -5.91 7.36 -0.41
C PHE A 60 -5.82 6.15 0.53
N ILE A 61 -4.61 5.65 0.73
CA ILE A 61 -4.37 4.52 1.62
C ILE A 61 -3.21 4.80 2.56
N SER A 62 -3.21 4.15 3.72
CA SER A 62 -2.15 4.32 4.73
C SER A 62 -1.59 2.96 5.11
N ILE A 63 -0.27 2.80 4.96
CA ILE A 63 0.40 1.54 5.30
C ILE A 63 1.19 1.70 6.59
N ASP A 64 0.82 0.92 7.61
CA ASP A 64 1.50 0.96 8.92
C ASP A 64 2.40 -0.25 9.10
N LYS A 65 3.72 -0.02 9.13
CA LYS A 65 4.70 -1.11 9.31
C LYS A 65 5.61 -0.79 10.50
N GLU A 66 6.21 -1.84 11.07
CA GLU A 66 7.08 -1.68 12.21
C GLU A 66 8.24 -0.73 11.87
N ASP A 67 8.99 -0.34 12.89
CA ASP A 67 10.13 0.55 12.69
C ASP A 67 11.27 -0.16 11.96
N ASN A 68 11.22 -1.50 11.94
CA ASN A 68 12.26 -2.29 11.28
C ASN A 68 11.97 -2.42 9.79
N ALA A 69 10.95 -1.71 9.32
CA ALA A 69 10.58 -1.74 7.91
C ALA A 69 11.19 -0.56 7.20
N ASN A 70 11.47 -0.75 5.92
CA ASN A 70 12.08 0.28 5.10
C ASN A 70 11.37 0.35 3.74
N TRP A 71 10.87 1.53 3.41
CA TRP A 71 10.16 1.73 2.15
C TRP A 71 11.05 1.46 0.94
N ASN A 72 12.35 1.58 1.15
CA ASN A 72 13.31 1.34 0.07
C ASN A 72 13.11 -0.05 -0.51
N GLU A 73 12.72 -0.99 0.34
CA GLU A 73 12.48 -2.37 -0.09
C GLU A 73 11.12 -2.50 -0.80
N LEU A 74 10.12 -1.77 -0.29
CA LEU A 74 8.78 -1.82 -0.87
C LEU A 74 8.76 -1.19 -2.27
N LEU A 75 9.52 -0.10 -2.43
CA LEU A 75 9.58 0.61 -3.72
C LEU A 75 9.63 -0.37 -4.91
N PRO A 76 10.68 -1.14 -5.03
CA PRO A 76 10.83 -2.11 -6.16
C PRO A 76 9.72 -3.17 -6.17
N GLN A 77 9.13 -3.46 -5.01
CA GLN A 77 8.05 -4.45 -4.93
C GLN A 77 6.73 -3.89 -5.45
N ILE A 78 6.31 -2.75 -4.89
CA ILE A 78 5.05 -2.14 -5.29
C ILE A 78 5.14 -1.59 -6.71
N GLU A 79 6.25 -0.93 -7.04
CA GLU A 79 6.43 -0.38 -8.38
C GLU A 79 6.24 -1.47 -9.44
N ASN A 80 6.61 -2.69 -9.09
CA ASN A 80 6.45 -3.80 -10.04
C ASN A 80 4.98 -4.04 -10.35
N THR A 81 4.13 -3.96 -9.32
CA THR A 81 2.71 -4.16 -9.49
C THR A 81 2.12 -3.08 -10.38
N PHE A 82 2.43 -1.84 -10.05
CA PHE A 82 1.97 -0.70 -10.83
C PHE A 82 2.55 -0.75 -12.26
N ALA A 83 3.86 -0.99 -12.33
CA ALA A 83 4.54 -1.04 -13.63
C ALA A 83 3.86 -2.06 -14.54
N LYS A 84 3.43 -3.17 -13.96
CA LYS A 84 2.77 -4.21 -14.74
C LYS A 84 1.44 -3.71 -15.30
N SER A 85 0.58 -3.21 -14.41
CA SER A 85 -0.73 -2.72 -14.84
C SER A 85 -0.57 -1.59 -15.85
N ASN A 86 0.37 -0.69 -15.57
CA ASN A 86 0.62 0.44 -16.47
C ASN A 86 1.19 -0.07 -17.79
N MET A 1 -6.98 3.57 -9.62
CA MET A 1 -6.74 2.10 -9.58
C MET A 1 -5.25 1.85 -9.71
N GLU A 2 -4.46 2.92 -9.76
CA GLU A 2 -3.00 2.78 -9.89
C GLU A 2 -2.30 3.89 -9.13
N ILE A 3 -1.20 3.53 -8.45
CA ILE A 3 -0.46 4.51 -7.67
C ILE A 3 -0.21 5.77 -8.48
N ILE A 4 -0.01 6.89 -7.79
CA ILE A 4 0.23 8.20 -8.45
C ILE A 4 1.45 8.89 -7.83
N ALA A 5 1.51 8.92 -6.52
CA ALA A 5 2.61 9.57 -5.83
C ALA A 5 2.59 9.20 -4.37
N ILE A 6 3.76 9.24 -3.75
CA ILE A 6 3.92 8.91 -2.34
C ILE A 6 4.22 10.18 -1.55
N SER A 7 3.32 10.50 -0.61
CA SER A 7 3.46 11.69 0.23
C SER A 7 4.12 11.30 1.54
N GLU A 8 5.34 11.79 1.76
CA GLU A 8 6.07 11.50 2.99
C GLU A 8 5.57 12.42 4.09
N THR A 9 5.01 11.82 5.13
CA THR A 9 4.46 12.58 6.25
C THR A 9 5.53 12.78 7.34
N PRO A 10 5.21 13.51 8.38
CA PRO A 10 6.17 13.75 9.50
C PRO A 10 6.51 12.45 10.25
N ASN A 11 6.15 11.30 9.68
CA ASN A 11 6.43 10.02 10.33
C ASN A 11 7.68 9.41 9.73
N HIS A 12 8.05 8.23 10.22
CA HIS A 12 9.25 7.51 9.75
C HIS A 12 8.90 6.23 8.99
N ASN A 13 8.23 5.30 9.69
CA ASN A 13 7.84 4.02 9.09
C ASN A 13 6.43 4.09 8.51
N THR A 14 5.79 5.26 8.60
CA THR A 14 4.43 5.45 8.06
C THR A 14 4.45 6.46 6.93
N MET A 15 3.87 6.09 5.80
CA MET A 15 3.81 6.96 4.63
C MET A 15 2.41 6.94 4.03
N LYS A 16 2.00 8.08 3.48
CA LYS A 16 0.67 8.19 2.87
C LYS A 16 0.79 7.98 1.38
N VAL A 17 -0.03 7.07 0.83
CA VAL A 17 -0.01 6.79 -0.61
C VAL A 17 -1.23 7.42 -1.25
N SER A 18 -1.02 8.52 -1.99
CA SER A 18 -2.09 9.23 -2.66
C SER A 18 -2.26 8.68 -4.08
N LEU A 19 -3.51 8.40 -4.45
CA LEU A 19 -3.81 7.85 -5.76
C LEU A 19 -5.29 8.01 -6.08
N SER A 20 -5.61 8.07 -7.36
CA SER A 20 -6.99 8.22 -7.80
C SER A 20 -7.73 6.89 -7.70
N GLU A 21 -8.51 6.73 -6.63
CA GLU A 21 -9.30 5.51 -6.41
C GLU A 21 -10.62 5.85 -5.71
N PRO A 22 -11.52 6.51 -6.41
CA PRO A 22 -12.86 6.87 -5.84
C PRO A 22 -13.65 5.64 -5.44
N ARG A 23 -14.16 4.91 -6.44
CA ARG A 23 -14.96 3.71 -6.22
C ARG A 23 -16.03 3.95 -5.16
N GLN A 24 -17.27 4.07 -5.60
CA GLN A 24 -18.38 4.30 -4.68
C GLN A 24 -18.45 3.19 -3.62
N ASP A 25 -17.56 2.20 -3.75
CA ASP A 25 -17.50 1.06 -2.82
C ASP A 25 -16.17 1.04 -2.07
N ASN A 26 -15.65 2.22 -1.74
CA ASN A 26 -14.38 2.32 -1.01
C ASN A 26 -14.32 1.30 0.12
N SER A 27 -15.32 1.34 1.00
CA SER A 27 -15.40 0.41 2.10
C SER A 27 -14.11 0.46 2.92
N PHE A 28 -14.24 0.73 4.20
CA PHE A 28 -13.08 0.80 5.10
C PHE A 28 -12.92 -0.50 5.87
N THR A 29 -11.72 -1.06 5.82
CA THR A 29 -11.43 -2.31 6.50
C THR A 29 -9.92 -2.52 6.55
N THR A 30 -9.46 -3.12 7.64
CA THR A 30 -8.02 -3.40 7.84
C THR A 30 -7.73 -4.88 7.58
N TYR A 31 -6.90 -5.14 6.58
CA TYR A 31 -6.49 -6.50 6.21
C TYR A 31 -5.03 -6.53 5.81
N THR A 32 -4.50 -7.73 5.62
CA THR A 32 -3.12 -7.90 5.20
C THR A 32 -2.85 -9.36 4.86
N ALA A 33 -2.55 -9.63 3.60
CA ALA A 33 -2.25 -11.00 3.16
C ALA A 33 -2.20 -11.08 1.63
N ALA A 34 -1.19 -11.78 1.12
CA ALA A 34 -1.05 -11.96 -0.32
C ALA A 34 -1.87 -13.18 -0.77
N GLN A 35 -2.68 -12.96 -1.80
CA GLN A 35 -3.53 -14.01 -2.36
C GLN A 35 -4.06 -13.61 -3.73
N GLU A 36 -4.54 -14.60 -4.48
CA GLU A 36 -5.08 -14.36 -5.81
C GLU A 36 -6.53 -13.90 -5.73
N GLY A 37 -6.90 -12.99 -6.63
CA GLY A 37 -8.27 -12.46 -6.67
C GLY A 37 -8.34 -11.11 -6.01
N GLN A 38 -7.45 -10.88 -5.03
CA GLN A 38 -7.44 -9.60 -4.31
C GLN A 38 -6.43 -8.64 -4.93
N PRO A 39 -6.70 -7.34 -4.91
CA PRO A 39 -5.77 -6.32 -5.47
C PRO A 39 -4.29 -6.61 -5.12
N GLU A 40 -3.44 -6.57 -6.14
CA GLU A 40 -2.02 -6.82 -5.96
C GLU A 40 -1.41 -5.73 -5.09
N PHE A 41 -2.02 -4.55 -5.09
CA PHE A 41 -1.50 -3.44 -4.30
C PHE A 41 -1.41 -3.79 -2.81
N ILE A 42 -1.84 -5.02 -2.45
CA ILE A 42 -1.82 -5.48 -1.06
C ILE A 42 -0.84 -6.64 -0.88
N ASN A 43 -0.73 -7.47 -1.91
CA ASN A 43 0.16 -8.62 -1.83
C ASN A 43 1.61 -8.19 -1.68
N ARG A 44 1.99 -7.14 -2.39
CA ARG A 44 3.36 -6.63 -2.36
C ARG A 44 3.72 -6.25 -0.92
N LEU A 45 2.80 -5.57 -0.25
CA LEU A 45 3.04 -5.14 1.11
C LEU A 45 3.25 -6.32 2.05
N PHE A 46 2.44 -7.38 1.87
CA PHE A 46 2.55 -8.55 2.72
C PHE A 46 3.73 -9.41 2.29
N GLU A 47 4.58 -8.84 1.44
CA GLU A 47 5.76 -9.57 0.95
C GLU A 47 6.95 -9.38 1.88
N ILE A 48 6.99 -8.22 2.55
CA ILE A 48 8.08 -7.88 3.46
C ILE A 48 7.54 -7.72 4.88
N GLU A 49 8.32 -8.20 5.85
CA GLU A 49 7.92 -8.12 7.24
C GLU A 49 7.93 -6.67 7.72
N GLY A 50 6.96 -6.32 8.55
CA GLY A 50 6.87 -4.96 9.09
C GLY A 50 5.44 -4.45 9.07
N VAL A 51 4.72 -4.77 8.01
CA VAL A 51 3.33 -4.32 7.89
C VAL A 51 2.46 -4.98 8.95
N LYS A 52 1.77 -4.16 9.74
CA LYS A 52 0.90 -4.68 10.79
C LYS A 52 -0.53 -4.76 10.25
N SER A 53 -0.95 -3.72 9.54
CA SER A 53 -2.29 -3.68 8.98
C SER A 53 -2.34 -2.69 7.83
N ILE A 54 -3.31 -2.88 6.93
CA ILE A 54 -3.48 -2.01 5.76
C ILE A 54 -4.93 -1.54 5.69
N PHE A 55 -5.13 -0.23 5.69
CA PHE A 55 -6.46 0.37 5.60
C PHE A 55 -6.72 0.85 4.19
N TYR A 56 -7.95 0.62 3.72
CA TYR A 56 -8.35 1.04 2.36
C TYR A 56 -9.63 1.87 2.44
N VAL A 57 -9.52 3.16 2.12
CA VAL A 57 -10.68 4.04 2.14
C VAL A 57 -10.37 5.33 1.40
N LEU A 58 -11.40 6.01 0.90
CA LEU A 58 -11.20 7.29 0.20
C LEU A 58 -10.19 7.14 -0.94
N ASP A 59 -9.69 8.28 -1.39
CA ASP A 59 -8.71 8.33 -2.47
C ASP A 59 -7.29 8.21 -1.93
N PHE A 60 -7.16 7.81 -0.66
CA PHE A 60 -5.84 7.65 -0.04
C PHE A 60 -5.89 6.53 1.00
N ILE A 61 -4.72 5.97 1.30
CA ILE A 61 -4.61 4.88 2.27
C ILE A 61 -3.45 5.12 3.23
N SER A 62 -3.45 4.38 4.33
CA SER A 62 -2.39 4.50 5.34
C SER A 62 -1.94 3.10 5.76
N ILE A 63 -0.62 2.90 5.84
CA ILE A 63 -0.03 1.62 6.21
C ILE A 63 0.79 1.78 7.49
N ASP A 64 0.54 0.87 8.43
CA ASP A 64 1.25 0.88 9.71
C ASP A 64 2.36 -0.16 9.69
N LYS A 65 3.61 0.31 9.53
CA LYS A 65 4.77 -0.58 9.50
C LYS A 65 5.64 -0.38 10.74
N GLU A 66 6.18 -1.48 11.25
CA GLU A 66 7.03 -1.40 12.42
C GLU A 66 8.28 -0.60 12.12
N ASP A 67 9.06 -0.34 13.17
CA ASP A 67 10.30 0.42 13.02
C ASP A 67 11.35 -0.39 12.26
N ASN A 68 11.12 -1.70 12.12
CA ASN A 68 12.07 -2.58 11.43
C ASN A 68 11.76 -2.64 9.94
N ALA A 69 10.85 -1.76 9.47
CA ALA A 69 10.47 -1.71 8.06
C ALA A 69 11.15 -0.54 7.38
N ASN A 70 11.40 -0.67 6.08
CA ASN A 70 12.03 0.38 5.30
C ASN A 70 11.45 0.41 3.88
N TRP A 71 10.99 1.58 3.47
CA TRP A 71 10.39 1.73 2.15
C TRP A 71 11.40 1.46 1.06
N ASN A 72 12.69 1.54 1.40
CA ASN A 72 13.76 1.32 0.42
C ASN A 72 13.57 -0.03 -0.27
N GLU A 73 12.80 -0.92 0.36
CA GLU A 73 12.53 -2.26 -0.18
C GLU A 73 11.21 -2.26 -0.95
N LEU A 74 10.25 -1.47 -0.49
CA LEU A 74 8.96 -1.41 -1.17
C LEU A 74 9.07 -0.77 -2.53
N LEU A 75 9.85 0.32 -2.61
CA LEU A 75 10.02 1.05 -3.88
C LEU A 75 10.25 0.07 -5.05
N PRO A 76 11.31 -0.70 -5.01
CA PRO A 76 11.60 -1.67 -6.10
C PRO A 76 10.56 -2.80 -6.16
N GLN A 77 9.96 -3.12 -5.02
CA GLN A 77 8.98 -4.22 -4.95
C GLN A 77 7.63 -3.83 -5.55
N ILE A 78 7.11 -2.70 -5.07
CA ILE A 78 5.82 -2.21 -5.52
C ILE A 78 5.88 -1.86 -7.01
N GLU A 79 6.98 -1.25 -7.43
CA GLU A 79 7.15 -0.84 -8.82
C GLU A 79 6.82 -2.02 -9.75
N ASN A 80 7.02 -3.23 -9.25
CA ASN A 80 6.75 -4.42 -10.05
C ASN A 80 5.27 -4.48 -10.41
N THR A 81 4.38 -4.25 -9.45
CA THR A 81 2.94 -4.30 -9.70
C THR A 81 2.55 -3.19 -10.67
N PHE A 82 2.95 -1.97 -10.36
CA PHE A 82 2.63 -0.86 -11.23
C PHE A 82 3.25 -1.09 -12.62
N ALA A 83 4.51 -1.45 -12.64
CA ALA A 83 5.20 -1.68 -13.90
C ALA A 83 4.53 -2.80 -14.68
N LYS A 84 4.23 -3.89 -13.98
CA LYS A 84 3.59 -5.04 -14.61
C LYS A 84 2.15 -4.71 -14.97
N SER A 85 1.67 -3.55 -14.52
CA SER A 85 0.30 -3.16 -14.82
C SER A 85 0.08 -3.05 -16.33
N ASN A 86 1.03 -2.43 -17.01
CA ASN A 86 0.92 -2.27 -18.46
C ASN A 86 -0.42 -1.63 -18.84
N MET A 1 -6.46 2.70 -8.74
CA MET A 1 -5.88 1.34 -8.97
C MET A 1 -4.43 1.47 -9.42
N GLU A 2 -4.06 2.68 -9.85
CA GLU A 2 -2.69 2.94 -10.33
C GLU A 2 -2.05 4.05 -9.53
N ILE A 3 -0.98 3.71 -8.82
CA ILE A 3 -0.29 4.69 -8.00
C ILE A 3 -0.06 5.98 -8.80
N ILE A 4 0.10 7.09 -8.08
CA ILE A 4 0.31 8.39 -8.72
C ILE A 4 1.51 9.10 -8.14
N ALA A 5 1.68 9.00 -6.84
CA ALA A 5 2.80 9.65 -6.17
C ALA A 5 2.86 9.22 -4.72
N ILE A 6 4.07 9.27 -4.14
CA ILE A 6 4.26 8.88 -2.73
C ILE A 6 4.57 10.12 -1.91
N SER A 7 3.70 10.42 -0.93
CA SER A 7 3.90 11.58 -0.05
C SER A 7 4.62 11.16 1.21
N GLU A 8 5.87 11.60 1.36
CA GLU A 8 6.67 11.28 2.54
C GLU A 8 6.34 12.23 3.67
N THR A 9 5.67 11.72 4.68
CA THR A 9 5.28 12.52 5.83
C THR A 9 6.41 12.52 6.87
N PRO A 10 6.44 13.52 7.72
CA PRO A 10 7.48 13.64 8.79
C PRO A 10 7.37 12.49 9.81
N ASN A 11 6.78 11.37 9.41
CA ASN A 11 6.63 10.23 10.30
C ASN A 11 7.85 9.34 10.20
N HIS A 12 7.76 8.14 10.76
CA HIS A 12 8.86 7.18 10.74
C HIS A 12 8.54 5.99 9.86
N ASN A 13 7.62 5.14 10.33
CA ASN A 13 7.24 3.93 9.57
C ASN A 13 5.85 4.09 8.97
N THR A 14 5.33 5.31 8.99
CA THR A 14 4.00 5.60 8.42
C THR A 14 4.12 6.53 7.24
N MET A 15 3.47 6.17 6.14
CA MET A 15 3.51 6.99 4.92
C MET A 15 2.16 6.97 4.23
N LYS A 16 1.83 8.07 3.55
CA LYS A 16 0.55 8.19 2.85
C LYS A 16 0.78 8.04 1.35
N VAL A 17 -0.03 7.19 0.71
CA VAL A 17 0.07 6.98 -0.73
C VAL A 17 -1.13 7.60 -1.44
N SER A 18 -0.88 8.68 -2.19
CA SER A 18 -1.94 9.37 -2.93
C SER A 18 -2.09 8.78 -4.33
N LEU A 19 -3.32 8.42 -4.68
CA LEU A 19 -3.59 7.85 -5.99
C LEU A 19 -5.09 7.75 -6.24
N SER A 20 -5.46 7.58 -7.50
CA SER A 20 -6.87 7.45 -7.86
C SER A 20 -7.35 6.03 -7.59
N GLU A 21 -8.20 5.87 -6.57
CA GLU A 21 -8.76 4.55 -6.21
C GLU A 21 -10.24 4.68 -5.90
N PRO A 22 -11.01 5.22 -6.80
CA PRO A 22 -12.47 5.37 -6.62
C PRO A 22 -13.18 4.01 -6.59
N ARG A 23 -14.21 3.91 -5.77
CA ARG A 23 -14.98 2.66 -5.66
C ARG A 23 -16.39 2.95 -5.14
N GLN A 24 -17.35 2.16 -5.62
CA GLN A 24 -18.74 2.32 -5.19
C GLN A 24 -18.91 1.88 -3.75
N ASP A 25 -17.84 1.38 -3.14
CA ASP A 25 -17.87 0.92 -1.76
C ASP A 25 -16.58 1.28 -1.03
N ASN A 26 -16.27 2.56 -0.98
CA ASN A 26 -15.06 3.02 -0.29
C ASN A 26 -15.10 2.62 1.17
N SER A 27 -15.72 3.45 2.01
CA SER A 27 -15.81 3.17 3.43
C SER A 27 -14.47 2.71 3.95
N PHE A 28 -14.47 2.10 5.13
CA PHE A 28 -13.24 1.61 5.75
C PHE A 28 -13.14 0.10 5.61
N THR A 29 -11.95 -0.39 5.32
CA THR A 29 -11.72 -1.83 5.19
C THR A 29 -10.23 -2.13 5.21
N THR A 30 -9.77 -2.71 6.32
CA THR A 30 -8.36 -3.05 6.48
C THR A 30 -8.13 -4.53 6.33
N TYR A 31 -7.14 -4.90 5.51
CA TYR A 31 -6.81 -6.32 5.28
C TYR A 31 -5.30 -6.50 5.17
N THR A 32 -4.88 -7.75 5.15
CA THR A 32 -3.46 -8.07 5.02
C THR A 32 -3.28 -9.54 4.72
N ALA A 33 -2.79 -9.85 3.51
CA ALA A 33 -2.54 -11.22 3.12
C ALA A 33 -2.28 -11.31 1.62
N ALA A 34 -1.17 -11.92 1.23
CA ALA A 34 -0.85 -12.11 -0.18
C ALA A 34 -1.57 -13.33 -0.74
N GLN A 35 -2.30 -13.12 -1.82
CA GLN A 35 -3.02 -14.21 -2.47
C GLN A 35 -3.53 -13.79 -3.84
N GLU A 36 -4.03 -14.75 -4.61
CA GLU A 36 -4.54 -14.46 -5.95
C GLU A 36 -5.99 -13.97 -5.88
N GLY A 37 -6.33 -13.02 -6.74
CA GLY A 37 -7.69 -12.47 -6.79
C GLY A 37 -7.76 -11.16 -6.02
N GLN A 38 -6.88 -11.01 -5.03
CA GLN A 38 -6.87 -9.80 -4.22
C GLN A 38 -5.86 -8.79 -4.78
N PRO A 39 -6.13 -7.50 -4.64
CA PRO A 39 -5.22 -6.43 -5.13
C PRO A 39 -3.74 -6.75 -4.86
N GLU A 40 -2.97 -6.80 -5.93
CA GLU A 40 -1.54 -7.09 -5.81
C GLU A 40 -0.83 -5.97 -5.07
N PHE A 41 -1.41 -4.77 -5.11
CA PHE A 41 -0.83 -3.62 -4.44
C PHE A 41 -0.75 -3.85 -2.94
N ILE A 42 -1.53 -4.81 -2.45
CA ILE A 42 -1.55 -5.14 -1.02
C ILE A 42 -0.76 -6.40 -0.75
N ASN A 43 -0.76 -7.32 -1.69
CA ASN A 43 -0.04 -8.57 -1.50
C ASN A 43 1.45 -8.33 -1.38
N ARG A 44 1.97 -7.38 -2.15
CA ARG A 44 3.39 -7.08 -2.12
C ARG A 44 3.83 -6.65 -0.73
N LEU A 45 2.94 -5.97 -0.03
CA LEU A 45 3.26 -5.49 1.32
C LEU A 45 3.53 -6.65 2.26
N PHE A 46 2.76 -7.73 2.11
CA PHE A 46 2.92 -8.89 2.97
C PHE A 46 4.14 -9.70 2.55
N GLU A 47 5.00 -9.09 1.74
CA GLU A 47 6.21 -9.77 1.27
C GLU A 47 7.38 -9.51 2.21
N ILE A 48 7.30 -8.40 2.95
CA ILE A 48 8.37 -8.03 3.90
C ILE A 48 7.82 -7.91 5.31
N GLU A 49 8.61 -8.34 6.28
CA GLU A 49 8.20 -8.29 7.67
C GLU A 49 8.12 -6.85 8.15
N GLY A 50 7.14 -6.55 9.00
CA GLY A 50 6.98 -5.20 9.55
C GLY A 50 5.54 -4.73 9.42
N VAL A 51 4.94 -4.97 8.25
CA VAL A 51 3.57 -4.55 8.02
C VAL A 51 2.63 -5.09 9.08
N LYS A 52 2.04 -4.20 9.85
CA LYS A 52 1.10 -4.60 10.90
C LYS A 52 -0.31 -4.69 10.32
N SER A 53 -0.68 -3.71 9.49
CA SER A 53 -2.00 -3.69 8.88
C SER A 53 -2.07 -2.61 7.81
N ILE A 54 -3.14 -2.63 7.02
CA ILE A 54 -3.34 -1.64 5.95
C ILE A 54 -4.76 -1.14 5.97
N PHE A 55 -4.93 0.17 5.80
CA PHE A 55 -6.27 0.78 5.78
C PHE A 55 -6.59 1.27 4.38
N TYR A 56 -7.83 1.00 3.94
CA TYR A 56 -8.30 1.41 2.62
C TYR A 56 -9.56 2.25 2.74
N VAL A 57 -9.49 3.49 2.28
CA VAL A 57 -10.64 4.39 2.31
C VAL A 57 -10.39 5.59 1.42
N LEU A 58 -11.43 6.04 0.74
CA LEU A 58 -11.32 7.20 -0.12
C LEU A 58 -10.34 6.94 -1.27
N ASP A 59 -9.69 8.01 -1.74
CA ASP A 59 -8.72 7.93 -2.81
C ASP A 59 -7.31 7.85 -2.26
N PHE A 60 -7.17 7.48 -0.98
CA PHE A 60 -5.85 7.38 -0.37
C PHE A 60 -5.83 6.18 0.58
N ILE A 61 -4.64 5.66 0.86
CA ILE A 61 -4.47 4.53 1.75
C ILE A 61 -3.34 4.80 2.73
N SER A 62 -3.52 4.31 3.96
CA SER A 62 -2.50 4.48 5.02
C SER A 62 -1.87 3.14 5.34
N ILE A 63 -0.55 3.06 5.24
CA ILE A 63 0.17 1.81 5.50
C ILE A 63 1.02 1.95 6.76
N ASP A 64 0.81 1.03 7.70
CA ASP A 64 1.57 1.05 8.96
C ASP A 64 2.42 -0.21 9.08
N LYS A 65 3.68 -0.03 9.46
CA LYS A 65 4.60 -1.16 9.61
C LYS A 65 5.54 -0.90 10.77
N GLU A 66 6.08 -1.98 11.32
CA GLU A 66 6.99 -1.87 12.45
C GLU A 66 8.11 -0.88 12.15
N ASP A 67 8.80 -0.43 13.19
CA ASP A 67 9.89 0.51 13.03
C ASP A 67 11.09 -0.18 12.38
N ASN A 68 11.07 -1.50 12.33
CA ASN A 68 12.17 -2.27 11.75
C ASN A 68 11.97 -2.45 10.25
N ALA A 69 10.97 -1.75 9.71
CA ALA A 69 10.66 -1.85 8.27
C ALA A 69 11.16 -0.60 7.56
N ASN A 70 11.23 -0.69 6.24
CA ASN A 70 11.68 0.44 5.41
C ASN A 70 11.01 0.39 4.04
N TRP A 71 10.52 1.54 3.60
CA TRP A 71 9.85 1.63 2.30
C TRP A 71 10.83 1.43 1.16
N ASN A 72 12.12 1.58 1.45
CA ASN A 72 13.15 1.43 0.44
C ASN A 72 13.09 0.06 -0.20
N GLU A 73 12.46 -0.88 0.50
CA GLU A 73 12.33 -2.26 -0.01
C GLU A 73 10.99 -2.43 -0.72
N LEU A 74 10.00 -1.67 -0.30
CA LEU A 74 8.66 -1.78 -0.90
C LEU A 74 8.62 -1.13 -2.26
N LEU A 75 9.29 0.00 -2.39
CA LEU A 75 9.32 0.72 -3.66
C LEU A 75 9.46 -0.22 -4.85
N PRO A 76 10.54 -0.95 -4.92
CA PRO A 76 10.78 -1.88 -6.05
C PRO A 76 9.73 -2.97 -6.14
N GLN A 77 9.14 -3.31 -4.99
CA GLN A 77 8.13 -4.36 -4.95
C GLN A 77 6.80 -3.88 -5.51
N ILE A 78 6.34 -2.73 -5.03
CA ILE A 78 5.08 -2.15 -5.47
C ILE A 78 5.20 -1.66 -6.91
N GLU A 79 6.30 -0.99 -7.20
CA GLU A 79 6.51 -0.45 -8.54
C GLU A 79 6.32 -1.54 -9.59
N ASN A 80 6.72 -2.75 -9.23
CA ASN A 80 6.60 -3.88 -10.16
C ASN A 80 5.12 -4.14 -10.46
N THR A 81 4.28 -4.02 -9.43
CA THR A 81 2.86 -4.26 -9.60
C THR A 81 2.27 -3.25 -10.59
N PHE A 82 2.60 -1.98 -10.38
CA PHE A 82 2.11 -0.92 -11.26
C PHE A 82 2.72 -1.09 -12.65
N ALA A 83 4.03 -1.35 -12.69
CA ALA A 83 4.73 -1.47 -13.97
C ALA A 83 3.93 -2.34 -14.92
N LYS A 84 3.24 -3.33 -14.37
CA LYS A 84 2.43 -4.22 -15.20
C LYS A 84 1.25 -3.46 -15.82
N SER A 85 0.50 -2.75 -14.97
CA SER A 85 -0.65 -1.99 -15.45
C SER A 85 -0.19 -0.70 -16.12
N ASN A 86 0.95 -0.77 -16.81
CA ASN A 86 1.50 0.40 -17.48
C ASN A 86 1.63 1.58 -16.53
N MET A 1 -6.60 2.22 -8.09
CA MET A 1 -5.67 1.07 -7.98
C MET A 1 -4.35 1.42 -8.66
N GLU A 2 -4.31 2.62 -9.28
CA GLU A 2 -3.09 3.07 -9.98
C GLU A 2 -2.44 4.20 -9.21
N ILE A 3 -1.33 3.91 -8.56
CA ILE A 3 -0.64 4.94 -7.76
C ILE A 3 -0.47 6.21 -8.58
N ILE A 4 -0.61 7.35 -7.90
CA ILE A 4 -0.46 8.67 -8.54
C ILE A 4 0.66 9.46 -7.89
N ALA A 5 0.83 9.29 -6.58
CA ALA A 5 1.88 10.00 -5.87
C ALA A 5 1.99 9.50 -4.44
N ILE A 6 2.93 10.06 -3.71
CA ILE A 6 3.17 9.66 -2.32
C ILE A 6 3.55 10.87 -1.48
N SER A 7 2.97 10.94 -0.28
CA SER A 7 3.24 12.05 0.65
C SER A 7 3.92 11.51 1.91
N GLU A 8 5.19 11.86 2.09
CA GLU A 8 5.95 11.43 3.26
C GLU A 8 5.66 12.38 4.41
N THR A 9 5.01 11.85 5.45
CA THR A 9 4.65 12.66 6.60
C THR A 9 5.84 12.77 7.56
N PRO A 10 5.70 13.51 8.64
CA PRO A 10 6.79 13.66 9.64
C PRO A 10 7.11 12.34 10.36
N ASN A 11 6.75 11.21 9.74
CA ASN A 11 7.01 9.91 10.34
C ASN A 11 8.20 9.24 9.66
N HIS A 12 8.52 8.02 10.09
CA HIS A 12 9.65 7.27 9.52
C HIS A 12 9.18 6.05 8.73
N ASN A 13 8.40 5.18 9.39
CA ASN A 13 7.89 3.94 8.77
C ASN A 13 6.45 4.10 8.32
N THR A 14 5.90 5.32 8.47
CA THR A 14 4.51 5.58 8.07
C THR A 14 4.48 6.61 6.95
N MET A 15 3.73 6.31 5.90
CA MET A 15 3.62 7.21 4.75
C MET A 15 2.22 7.11 4.16
N LYS A 16 1.78 8.18 3.51
CA LYS A 16 0.47 8.23 2.88
C LYS A 16 0.61 8.14 1.37
N VAL A 17 -0.24 7.33 0.75
CA VAL A 17 -0.22 7.17 -0.71
C VAL A 17 -1.48 7.80 -1.32
N SER A 18 -1.28 8.78 -2.20
CA SER A 18 -2.38 9.48 -2.86
C SER A 18 -2.65 8.86 -4.22
N LEU A 19 -3.92 8.50 -4.46
CA LEU A 19 -4.30 7.89 -5.72
C LEU A 19 -5.82 7.93 -5.88
N SER A 20 -6.29 7.91 -7.12
CA SER A 20 -7.73 7.93 -7.40
C SER A 20 -8.24 6.51 -7.53
N GLU A 21 -8.83 5.99 -6.46
CA GLU A 21 -9.37 4.63 -6.48
C GLU A 21 -10.77 4.62 -7.12
N PRO A 22 -11.17 3.52 -7.73
CA PRO A 22 -12.51 3.41 -8.38
C PRO A 22 -13.64 3.34 -7.34
N ARG A 23 -13.30 3.00 -6.11
CA ARG A 23 -14.31 2.90 -5.05
C ARG A 23 -14.90 4.25 -4.73
N GLN A 24 -15.99 4.59 -5.39
CA GLN A 24 -16.68 5.87 -5.17
C GLN A 24 -17.70 5.71 -4.04
N ASP A 25 -17.46 4.76 -3.14
CA ASP A 25 -18.37 4.52 -2.01
C ASP A 25 -17.60 4.51 -0.69
N ASN A 26 -16.32 4.88 -0.76
CA ASN A 26 -15.46 4.92 0.43
C ASN A 26 -15.77 3.77 1.38
N SER A 27 -15.22 2.59 1.08
CA SER A 27 -15.44 1.40 1.89
C SER A 27 -14.21 1.11 2.75
N PHE A 28 -14.41 0.99 4.06
CA PHE A 28 -13.31 0.73 4.99
C PHE A 28 -13.26 -0.75 5.32
N THR A 29 -12.05 -1.32 5.26
CA THR A 29 -11.86 -2.73 5.55
C THR A 29 -10.38 -3.03 5.71
N THR A 30 -9.97 -3.25 6.95
CA THR A 30 -8.56 -3.55 7.23
C THR A 30 -8.27 -5.02 6.95
N TYR A 31 -7.33 -5.25 6.04
CA TYR A 31 -6.92 -6.61 5.66
C TYR A 31 -5.41 -6.66 5.43
N THR A 32 -4.88 -7.88 5.40
CA THR A 32 -3.46 -8.08 5.16
C THR A 32 -3.17 -9.57 4.90
N ALA A 33 -2.75 -9.89 3.67
CA ALA A 33 -2.43 -11.26 3.31
C ALA A 33 -2.27 -11.39 1.80
N ALA A 34 -1.20 -12.05 1.37
CA ALA A 34 -0.96 -12.29 -0.05
C ALA A 34 -1.78 -13.47 -0.53
N GLN A 35 -2.63 -13.24 -1.54
CA GLN A 35 -3.49 -14.30 -2.10
C GLN A 35 -3.62 -14.13 -3.61
N GLU A 36 -3.90 -15.22 -4.30
CA GLU A 36 -4.06 -15.19 -5.75
C GLU A 36 -5.37 -14.53 -6.15
N GLY A 37 -5.33 -13.76 -7.23
CA GLY A 37 -6.51 -13.08 -7.73
C GLY A 37 -6.82 -11.85 -6.88
N GLN A 38 -6.04 -11.65 -5.82
CA GLN A 38 -6.24 -10.50 -4.93
C GLN A 38 -5.27 -9.37 -5.27
N PRO A 39 -5.62 -8.13 -4.94
CA PRO A 39 -4.74 -6.95 -5.20
C PRO A 39 -3.26 -7.27 -5.03
N GLU A 40 -2.53 -7.31 -6.14
CA GLU A 40 -1.11 -7.60 -6.10
C GLU A 40 -0.39 -6.57 -5.22
N PHE A 41 -0.85 -5.33 -5.28
CA PHE A 41 -0.23 -4.28 -4.49
C PHE A 41 -0.22 -4.64 -3.00
N ILE A 42 -1.38 -5.02 -2.48
CA ILE A 42 -1.49 -5.40 -1.07
C ILE A 42 -0.68 -6.66 -0.80
N ASN A 43 -0.74 -7.60 -1.73
CA ASN A 43 -0.02 -8.84 -1.55
C ASN A 43 1.47 -8.60 -1.41
N ARG A 44 2.01 -7.66 -2.19
CA ARG A 44 3.43 -7.36 -2.13
C ARG A 44 3.82 -6.89 -0.74
N LEU A 45 2.96 -6.10 -0.12
CA LEU A 45 3.23 -5.59 1.22
C LEU A 45 3.29 -6.72 2.23
N PHE A 46 2.40 -7.68 2.13
CA PHE A 46 2.40 -8.77 3.08
C PHE A 46 3.67 -9.61 2.96
N GLU A 47 4.25 -9.65 1.76
CA GLU A 47 5.46 -10.44 1.54
C GLU A 47 6.67 -9.78 2.19
N ILE A 48 6.50 -8.54 2.66
CA ILE A 48 7.59 -7.81 3.31
C ILE A 48 7.39 -7.76 4.81
N GLU A 49 8.45 -8.03 5.56
CA GLU A 49 8.38 -7.97 7.00
C GLU A 49 8.32 -6.51 7.44
N GLY A 50 7.35 -6.18 8.28
CA GLY A 50 7.22 -4.82 8.81
C GLY A 50 5.78 -4.36 8.76
N VAL A 51 5.07 -4.73 7.68
CA VAL A 51 3.68 -4.31 7.55
C VAL A 51 2.82 -5.00 8.59
N LYS A 52 2.03 -4.20 9.32
CA LYS A 52 1.14 -4.73 10.35
C LYS A 52 -0.29 -4.82 9.82
N SER A 53 -0.70 -3.80 9.06
CA SER A 53 -2.04 -3.78 8.49
C SER A 53 -2.15 -2.71 7.41
N ILE A 54 -3.26 -2.72 6.69
CA ILE A 54 -3.50 -1.74 5.62
C ILE A 54 -4.93 -1.24 5.68
N PHE A 55 -5.10 0.07 5.51
CA PHE A 55 -6.42 0.70 5.53
C PHE A 55 -6.77 1.20 4.14
N TYR A 56 -8.00 0.90 3.71
CA TYR A 56 -8.49 1.32 2.39
C TYR A 56 -9.77 2.14 2.55
N VAL A 57 -9.66 3.43 2.31
CA VAL A 57 -10.80 4.32 2.39
C VAL A 57 -10.50 5.65 1.71
N LEU A 58 -11.52 6.25 1.13
CA LEU A 58 -11.38 7.52 0.45
C LEU A 58 -10.45 7.39 -0.76
N ASP A 59 -9.92 8.52 -1.22
CA ASP A 59 -9.02 8.57 -2.37
C ASP A 59 -7.57 8.40 -1.93
N PHE A 60 -7.39 7.93 -0.70
CA PHE A 60 -6.04 7.72 -0.15
C PHE A 60 -6.03 6.55 0.81
N ILE A 61 -4.85 5.98 1.04
CA ILE A 61 -4.70 4.84 1.94
C ILE A 61 -3.57 5.10 2.94
N SER A 62 -3.69 4.49 4.11
CA SER A 62 -2.67 4.62 5.17
C SER A 62 -1.99 3.29 5.38
N ILE A 63 -0.68 3.25 5.16
CA ILE A 63 0.10 2.02 5.31
C ILE A 63 0.91 2.08 6.59
N ASP A 64 0.59 1.19 7.53
CA ASP A 64 1.30 1.13 8.81
C ASP A 64 2.35 0.02 8.78
N LYS A 65 3.59 0.38 9.12
CA LYS A 65 4.68 -0.58 9.14
C LYS A 65 5.59 -0.34 10.33
N GLU A 66 6.10 -1.43 10.90
CA GLU A 66 6.98 -1.34 12.06
C GLU A 66 8.16 -0.43 11.75
N ASP A 67 8.90 -0.06 12.80
CA ASP A 67 10.06 0.80 12.64
C ASP A 67 11.18 0.07 11.91
N ASN A 68 11.16 -1.26 11.97
CA ASN A 68 12.19 -2.07 11.32
C ASN A 68 11.92 -2.16 9.82
N ALA A 69 10.78 -1.65 9.38
CA ALA A 69 10.43 -1.69 7.96
C ALA A 69 11.21 -0.63 7.21
N ASN A 70 11.62 -0.96 6.00
CA ASN A 70 12.38 -0.04 5.17
C ASN A 70 11.72 0.11 3.80
N TRP A 71 11.32 1.34 3.46
CA TRP A 71 10.67 1.60 2.18
C TRP A 71 11.60 1.24 1.02
N ASN A 72 12.90 1.33 1.26
CA ASN A 72 13.88 1.03 0.23
C ASN A 72 13.68 -0.40 -0.27
N GLU A 73 12.95 -1.21 0.49
CA GLU A 73 12.69 -2.60 0.11
C GLU A 73 11.32 -2.73 -0.55
N LEU A 74 10.37 -1.92 -0.11
CA LEU A 74 9.01 -1.98 -0.66
C LEU A 74 8.96 -1.35 -2.03
N LEU A 75 9.68 -0.24 -2.20
CA LEU A 75 9.70 0.47 -3.49
C LEU A 75 9.81 -0.52 -4.66
N PRO A 76 10.88 -1.27 -4.73
CA PRO A 76 11.07 -2.24 -5.85
C PRO A 76 9.97 -3.30 -5.90
N GLN A 77 9.37 -3.59 -4.75
CA GLN A 77 8.30 -4.59 -4.70
C GLN A 77 6.98 -4.03 -5.24
N ILE A 78 6.56 -2.90 -4.68
CA ILE A 78 5.31 -2.26 -5.10
C ILE A 78 5.43 -1.68 -6.51
N GLU A 79 6.53 -1.00 -6.77
CA GLU A 79 6.75 -0.37 -8.06
C GLU A 79 6.55 -1.38 -9.18
N ASN A 80 6.87 -2.63 -8.90
CA ASN A 80 6.70 -3.68 -9.89
C ASN A 80 5.22 -3.88 -10.20
N THR A 81 4.39 -3.79 -9.19
CA THR A 81 2.95 -3.97 -9.38
C THR A 81 2.40 -2.89 -10.30
N PHE A 82 2.71 -1.65 -9.97
CA PHE A 82 2.25 -0.53 -10.77
C PHE A 82 2.82 -0.62 -12.19
N ALA A 83 4.12 -0.85 -12.28
CA ALA A 83 4.77 -0.93 -13.58
C ALA A 83 4.21 -2.09 -14.40
N LYS A 84 3.97 -3.22 -13.73
CA LYS A 84 3.44 -4.41 -14.40
C LYS A 84 1.95 -4.27 -14.63
N SER A 85 1.42 -3.10 -14.30
CA SER A 85 -0.01 -2.87 -14.47
C SER A 85 -0.42 -3.08 -15.93
N ASN A 86 0.41 -2.60 -16.85
CA ASN A 86 0.14 -2.75 -18.28
C ASN A 86 -1.26 -2.21 -18.60
N MET A 1 -6.17 4.97 -11.71
CA MET A 1 -6.24 3.55 -11.26
C MET A 1 -4.83 3.02 -11.03
N GLU A 2 -3.92 3.92 -10.67
CA GLU A 2 -2.52 3.54 -10.44
C GLU A 2 -1.83 4.55 -9.54
N ILE A 3 -0.86 4.10 -8.75
CA ILE A 3 -0.15 4.97 -7.83
C ILE A 3 0.36 6.22 -8.56
N ILE A 4 -0.13 7.38 -8.12
CA ILE A 4 0.27 8.66 -8.74
C ILE A 4 1.46 9.24 -7.99
N ALA A 5 1.36 9.28 -6.67
CA ALA A 5 2.45 9.83 -5.85
C ALA A 5 2.33 9.31 -4.43
N ILE A 6 3.28 9.71 -3.58
CA ILE A 6 3.31 9.28 -2.18
C ILE A 6 3.52 10.48 -1.27
N SER A 7 2.74 10.54 -0.18
CA SER A 7 2.85 11.64 0.78
C SER A 7 3.66 11.20 1.99
N GLU A 8 4.86 11.77 2.14
CA GLU A 8 5.71 11.43 3.28
C GLU A 8 5.25 12.25 4.47
N THR A 9 4.66 11.57 5.46
CA THR A 9 4.15 12.26 6.65
C THR A 9 5.26 12.40 7.70
N PRO A 10 4.98 13.05 8.82
CA PRO A 10 5.99 13.23 9.90
C PRO A 10 6.42 11.89 10.52
N ASN A 11 5.99 10.78 9.93
CA ASN A 11 6.34 9.45 10.43
C ASN A 11 7.59 8.93 9.73
N HIS A 12 8.11 7.81 10.22
CA HIS A 12 9.32 7.19 9.64
C HIS A 12 9.00 5.86 8.96
N ASN A 13 8.09 5.09 9.56
CA ASN A 13 7.71 3.78 9.02
C ASN A 13 6.28 3.79 8.47
N THR A 14 5.58 4.92 8.61
CA THR A 14 4.21 5.06 8.11
C THR A 14 4.18 6.07 6.97
N MET A 15 3.54 5.68 5.87
CA MET A 15 3.44 6.55 4.69
C MET A 15 2.07 6.38 4.04
N LYS A 16 1.62 7.44 3.39
CA LYS A 16 0.31 7.43 2.70
C LYS A 16 0.50 7.54 1.20
N VAL A 17 -0.27 6.76 0.45
CA VAL A 17 -0.21 6.77 -1.01
C VAL A 17 -1.35 7.61 -1.57
N SER A 18 -1.02 8.57 -2.43
CA SER A 18 -2.00 9.46 -3.04
C SER A 18 -2.24 9.04 -4.48
N LEU A 19 -3.51 8.93 -4.85
CA LEU A 19 -3.89 8.53 -6.20
C LEU A 19 -5.37 8.75 -6.40
N SER A 20 -5.79 8.85 -7.66
CA SER A 20 -7.20 9.04 -7.99
C SER A 20 -7.78 7.72 -8.49
N GLU A 21 -8.24 6.86 -7.56
CA GLU A 21 -8.81 5.56 -7.95
C GLU A 21 -10.35 5.63 -7.99
N PRO A 22 -11.00 4.92 -8.89
CA PRO A 22 -12.49 4.96 -9.00
C PRO A 22 -13.16 4.25 -7.82
N ARG A 23 -13.38 4.98 -6.72
CA ARG A 23 -14.02 4.42 -5.53
C ARG A 23 -15.09 5.38 -5.01
N GLN A 24 -16.31 5.20 -5.51
CA GLN A 24 -17.45 6.03 -5.10
C GLN A 24 -18.24 5.34 -3.99
N ASP A 25 -17.58 4.41 -3.29
CA ASP A 25 -18.22 3.67 -2.18
C ASP A 25 -17.33 3.71 -0.93
N ASN A 26 -16.12 4.24 -1.07
CA ASN A 26 -15.20 4.32 0.05
C ASN A 26 -14.99 2.94 0.67
N SER A 27 -15.89 2.56 1.57
CA SER A 27 -15.79 1.26 2.22
C SER A 27 -14.45 1.13 2.91
N PHE A 28 -14.47 1.19 4.25
CA PHE A 28 -13.23 1.07 5.02
C PHE A 28 -13.09 -0.34 5.58
N THR A 29 -11.93 -0.94 5.33
CA THR A 29 -11.66 -2.30 5.80
C THR A 29 -10.16 -2.55 5.79
N THR A 30 -9.64 -3.11 6.88
CA THR A 30 -8.21 -3.40 7.00
C THR A 30 -7.94 -4.89 6.77
N TYR A 31 -7.12 -5.17 5.75
CA TYR A 31 -6.76 -6.56 5.43
C TYR A 31 -5.30 -6.66 5.04
N THR A 32 -4.61 -7.64 5.59
CA THR A 32 -3.19 -7.86 5.30
C THR A 32 -2.92 -9.36 5.14
N ALA A 33 -2.50 -9.76 3.93
CA ALA A 33 -2.20 -11.16 3.64
C ALA A 33 -1.99 -11.35 2.14
N ALA A 34 -0.98 -12.13 1.77
CA ALA A 34 -0.71 -12.42 0.37
C ALA A 34 -1.49 -13.66 -0.06
N GLN A 35 -2.33 -13.50 -1.09
CA GLN A 35 -3.14 -14.61 -1.61
C GLN A 35 -3.48 -14.36 -3.07
N GLU A 36 -3.72 -15.46 -3.80
CA GLU A 36 -4.05 -15.37 -5.22
C GLU A 36 -5.45 -14.79 -5.41
N GLY A 37 -5.55 -13.77 -6.26
CA GLY A 37 -6.82 -13.13 -6.56
C GLY A 37 -7.03 -11.89 -5.69
N GLN A 38 -6.30 -11.81 -4.58
CA GLN A 38 -6.43 -10.67 -3.66
C GLN A 38 -5.59 -9.47 -4.17
N PRO A 39 -5.98 -8.25 -3.85
CA PRO A 39 -5.23 -7.03 -4.27
C PRO A 39 -3.71 -7.22 -4.19
N GLU A 40 -3.04 -7.07 -5.34
CA GLU A 40 -1.59 -7.21 -5.39
C GLU A 40 -0.92 -6.06 -4.67
N PHE A 41 -1.63 -4.94 -4.55
CA PHE A 41 -1.09 -3.75 -3.89
C PHE A 41 -0.92 -3.98 -2.39
N ILE A 42 -1.48 -5.10 -1.90
CA ILE A 42 -1.40 -5.45 -0.47
C ILE A 42 -0.65 -6.77 -0.29
N ASN A 43 -0.80 -7.66 -1.24
CA ASN A 43 -0.15 -8.96 -1.15
C ASN A 43 1.36 -8.79 -1.16
N ARG A 44 1.85 -7.87 -2.00
CA ARG A 44 3.27 -7.63 -2.09
C ARG A 44 3.81 -7.09 -0.77
N LEU A 45 3.01 -6.30 -0.09
CA LEU A 45 3.42 -5.70 1.17
C LEU A 45 3.70 -6.78 2.22
N PHE A 46 2.84 -7.81 2.27
CA PHE A 46 3.01 -8.86 3.25
C PHE A 46 4.24 -9.72 2.93
N GLU A 47 4.87 -9.45 1.78
CA GLU A 47 6.04 -10.21 1.37
C GLU A 47 7.23 -9.95 2.28
N ILE A 48 7.23 -8.79 2.95
CA ILE A 48 8.33 -8.40 3.85
C ILE A 48 7.80 -8.14 5.25
N GLU A 49 8.59 -8.52 6.25
CA GLU A 49 8.21 -8.31 7.64
C GLU A 49 8.18 -6.83 7.98
N GLY A 50 7.23 -6.42 8.82
CA GLY A 50 7.12 -5.03 9.25
C GLY A 50 5.69 -4.54 9.18
N VAL A 51 4.99 -4.92 8.12
CA VAL A 51 3.61 -4.49 7.94
C VAL A 51 2.75 -4.97 9.09
N LYS A 52 2.26 -4.04 9.91
CA LYS A 52 1.41 -4.38 11.04
C LYS A 52 -0.03 -4.56 10.58
N SER A 53 -0.54 -3.58 9.83
CA SER A 53 -1.91 -3.63 9.32
C SER A 53 -2.07 -2.66 8.17
N ILE A 54 -3.11 -2.89 7.36
CA ILE A 54 -3.39 -2.03 6.20
C ILE A 54 -4.79 -1.44 6.33
N PHE A 55 -4.97 -0.27 5.73
CA PHE A 55 -6.27 0.43 5.76
C PHE A 55 -6.58 0.94 4.36
N TYR A 56 -7.72 0.49 3.81
CA TYR A 56 -8.16 0.91 2.48
C TYR A 56 -9.44 1.71 2.59
N VAL A 57 -9.40 2.97 2.17
CA VAL A 57 -10.57 3.82 2.22
C VAL A 57 -10.36 5.05 1.34
N LEU A 58 -11.45 5.54 0.78
CA LEU A 58 -11.39 6.72 -0.07
C LEU A 58 -10.55 6.45 -1.33
N ASP A 59 -9.73 7.42 -1.74
CA ASP A 59 -8.86 7.30 -2.89
C ASP A 59 -7.40 7.20 -2.47
N PHE A 60 -7.14 6.76 -1.23
CA PHE A 60 -5.78 6.65 -0.72
C PHE A 60 -5.70 5.48 0.25
N ILE A 61 -4.49 4.96 0.44
CA ILE A 61 -4.25 3.84 1.35
C ILE A 61 -3.16 4.19 2.35
N SER A 62 -3.42 3.92 3.62
CA SER A 62 -2.45 4.18 4.69
C SER A 62 -1.80 2.87 5.09
N ILE A 63 -0.46 2.81 5.01
CA ILE A 63 0.28 1.60 5.35
C ILE A 63 1.09 1.83 6.63
N ASP A 64 0.93 0.93 7.59
CA ASP A 64 1.65 1.02 8.88
C ASP A 64 2.68 -0.11 8.99
N LYS A 65 3.96 0.25 8.96
CA LYS A 65 5.04 -0.73 9.06
C LYS A 65 5.85 -0.50 10.33
N GLU A 66 6.51 -1.55 10.82
CA GLU A 66 7.32 -1.44 12.03
C GLU A 66 8.53 -0.53 11.77
N ASP A 67 9.29 -0.26 12.82
CA ASP A 67 10.48 0.57 12.71
C ASP A 67 11.58 -0.14 11.93
N ASN A 68 11.49 -1.47 11.85
CA ASN A 68 12.50 -2.27 11.14
C ASN A 68 12.19 -2.36 9.65
N ALA A 69 11.13 -1.68 9.23
CA ALA A 69 10.72 -1.67 7.82
C ALA A 69 11.27 -0.45 7.11
N ASN A 70 11.46 -0.57 5.80
CA ASN A 70 11.99 0.55 5.00
C ASN A 70 11.28 0.60 3.64
N TRP A 71 10.65 1.73 3.34
CA TRP A 71 9.93 1.91 2.09
C TRP A 71 10.86 1.70 0.89
N ASN A 72 12.15 1.95 1.10
CA ASN A 72 13.12 1.81 0.02
C ASN A 72 13.08 0.41 -0.56
N GLU A 73 12.86 -0.58 0.30
CA GLU A 73 12.78 -1.96 -0.16
C GLU A 73 11.47 -2.23 -0.88
N LEU A 74 10.38 -1.67 -0.36
CA LEU A 74 9.06 -1.86 -0.95
C LEU A 74 8.91 -1.12 -2.27
N LEU A 75 9.49 0.07 -2.37
CA LEU A 75 9.41 0.88 -3.59
C LEU A 75 9.56 -0.01 -4.84
N PRO A 76 10.67 -0.67 -5.02
CA PRO A 76 10.89 -1.55 -6.20
C PRO A 76 9.95 -2.76 -6.20
N GLN A 77 9.44 -3.13 -5.03
CA GLN A 77 8.54 -4.27 -4.92
C GLN A 77 7.13 -3.94 -5.41
N ILE A 78 6.56 -2.87 -4.86
CA ILE A 78 5.20 -2.44 -5.23
C ILE A 78 5.18 -1.86 -6.63
N GLU A 79 6.22 -1.07 -6.96
CA GLU A 79 6.29 -0.45 -8.27
C GLU A 79 6.09 -1.48 -9.37
N ASN A 80 6.51 -2.72 -9.10
CA ASN A 80 6.34 -3.79 -10.07
C ASN A 80 4.86 -4.06 -10.33
N THR A 81 4.06 -4.01 -9.28
CA THR A 81 2.62 -4.25 -9.41
C THR A 81 2.00 -3.24 -10.36
N PHE A 82 2.31 -1.96 -10.13
CA PHE A 82 1.78 -0.89 -10.97
C PHE A 82 2.40 -0.95 -12.36
N ALA A 83 3.69 -1.28 -12.41
CA ALA A 83 4.40 -1.37 -13.69
C ALA A 83 3.73 -2.37 -14.61
N LYS A 84 3.36 -3.52 -14.06
CA LYS A 84 2.71 -4.56 -14.85
C LYS A 84 1.39 -4.07 -15.42
N SER A 85 0.46 -3.72 -14.53
CA SER A 85 -0.85 -3.23 -14.97
C SER A 85 -0.70 -1.98 -15.81
N ASN A 86 0.13 -1.05 -15.34
CA ASN A 86 0.36 0.20 -16.06
C ASN A 86 -0.97 0.90 -16.35
N MET A 1 -6.62 2.34 -9.36
CA MET A 1 -5.95 1.03 -9.11
C MET A 1 -4.48 1.14 -9.46
N GLU A 2 -4.05 2.33 -9.87
CA GLU A 2 -2.65 2.57 -10.25
C GLU A 2 -2.08 3.74 -9.47
N ILE A 3 -0.95 3.51 -8.78
CA ILE A 3 -0.33 4.57 -7.99
C ILE A 3 -0.20 5.84 -8.81
N ILE A 4 -0.13 6.99 -8.11
CA ILE A 4 0.00 8.29 -8.78
C ILE A 4 1.17 9.06 -8.20
N ALA A 5 1.37 8.95 -6.90
CA ALA A 5 2.47 9.65 -6.25
C ALA A 5 2.59 9.20 -4.81
N ILE A 6 3.78 9.41 -4.23
CA ILE A 6 4.05 9.03 -2.85
C ILE A 6 4.04 10.27 -1.97
N SER A 7 3.32 10.20 -0.85
CA SER A 7 3.22 11.32 0.10
C SER A 7 3.88 10.95 1.42
N GLU A 8 5.07 11.50 1.64
CA GLU A 8 5.80 11.27 2.87
C GLU A 8 5.20 12.10 3.99
N THR A 9 5.19 11.55 5.20
CA THR A 9 4.63 12.24 6.37
C THR A 9 5.71 12.38 7.46
N PRO A 10 5.52 13.27 8.42
CA PRO A 10 6.49 13.47 9.53
C PRO A 10 6.63 12.22 10.41
N ASN A 11 6.28 11.05 9.87
CA ASN A 11 6.39 9.80 10.61
C ASN A 11 7.69 9.10 10.26
N HIS A 12 7.87 7.88 10.77
CA HIS A 12 9.09 7.10 10.52
C HIS A 12 8.81 5.89 9.63
N ASN A 13 7.80 5.10 10.01
CA ASN A 13 7.43 3.88 9.28
C ASN A 13 6.03 3.97 8.70
N THR A 14 5.41 5.15 8.79
CA THR A 14 4.06 5.39 8.25
C THR A 14 4.14 6.33 7.05
N MET A 15 3.52 5.94 5.95
CA MET A 15 3.51 6.76 4.72
C MET A 15 2.14 6.70 4.09
N LYS A 16 1.78 7.79 3.38
CA LYS A 16 0.48 7.86 2.71
C LYS A 16 0.68 7.73 1.21
N VAL A 17 -0.12 6.86 0.58
CA VAL A 17 -0.04 6.66 -0.87
C VAL A 17 -1.28 7.25 -1.51
N SER A 18 -1.10 8.36 -2.24
CA SER A 18 -2.22 9.04 -2.89
C SER A 18 -2.40 8.49 -4.29
N LEU A 19 -3.64 8.18 -4.66
CA LEU A 19 -3.94 7.63 -5.97
C LEU A 19 -5.44 7.71 -6.24
N SER A 20 -5.81 7.74 -7.51
CA SER A 20 -7.23 7.78 -7.88
C SER A 20 -7.76 6.36 -7.98
N GLU A 21 -8.17 5.79 -6.83
CA GLU A 21 -8.71 4.42 -6.81
C GLU A 21 -10.23 4.45 -6.58
N PRO A 22 -11.00 3.53 -7.13
CA PRO A 22 -12.48 3.48 -6.94
C PRO A 22 -12.91 3.87 -5.50
N ARG A 23 -13.08 5.16 -5.26
CA ARG A 23 -13.48 5.64 -3.94
C ARG A 23 -14.99 5.45 -3.75
N GLN A 24 -15.71 5.29 -4.87
CA GLN A 24 -17.17 5.10 -4.83
C GLN A 24 -17.55 4.14 -3.71
N ASP A 25 -16.63 3.24 -3.38
CA ASP A 25 -16.87 2.28 -2.32
C ASP A 25 -16.86 2.97 -0.96
N ASN A 26 -15.91 3.88 -0.75
CA ASN A 26 -15.81 4.62 0.52
C ASN A 26 -16.10 3.72 1.72
N SER A 27 -15.46 2.55 1.75
CA SER A 27 -15.64 1.57 2.82
C SER A 27 -14.32 1.31 3.53
N PHE A 28 -14.40 1.12 4.84
CA PHE A 28 -13.23 0.86 5.67
C PHE A 28 -13.16 -0.62 6.02
N THR A 29 -12.00 -1.22 5.83
CA THR A 29 -11.80 -2.64 6.12
C THR A 29 -10.32 -2.93 6.26
N THR A 30 -9.88 -3.18 7.49
CA THR A 30 -8.48 -3.45 7.75
C THR A 30 -8.14 -4.90 7.39
N TYR A 31 -7.24 -5.07 6.43
CA TYR A 31 -6.79 -6.39 5.99
C TYR A 31 -5.30 -6.37 5.67
N THR A 32 -4.71 -7.54 5.62
CA THR A 32 -3.28 -7.66 5.27
C THR A 32 -2.93 -9.13 5.06
N ALA A 33 -2.58 -9.48 3.82
CA ALA A 33 -2.19 -10.86 3.50
C ALA A 33 -2.10 -11.04 1.97
N ALA A 34 -1.07 -11.77 1.52
CA ALA A 34 -0.91 -12.05 0.10
C ALA A 34 -1.81 -13.20 -0.31
N GLN A 35 -2.71 -12.94 -1.27
CA GLN A 35 -3.64 -13.96 -1.76
C GLN A 35 -3.95 -13.71 -3.24
N GLU A 36 -4.16 -14.80 -3.97
CA GLU A 36 -4.47 -14.72 -5.39
C GLU A 36 -5.85 -14.15 -5.63
N GLY A 37 -5.98 -13.34 -6.68
CA GLY A 37 -7.26 -12.72 -7.03
C GLY A 37 -7.44 -11.40 -6.30
N GLN A 38 -6.58 -11.14 -5.30
CA GLN A 38 -6.67 -9.90 -4.53
C GLN A 38 -5.66 -8.86 -5.06
N PRO A 39 -5.98 -7.58 -4.99
CA PRO A 39 -5.05 -6.49 -5.46
C PRO A 39 -3.59 -6.75 -5.06
N GLU A 40 -2.71 -6.69 -6.04
CA GLU A 40 -1.29 -6.88 -5.81
C GLU A 40 -0.73 -5.75 -4.96
N PHE A 41 -1.37 -4.59 -5.03
CA PHE A 41 -0.92 -3.42 -4.27
C PHE A 41 -0.96 -3.71 -2.78
N ILE A 42 -1.59 -4.82 -2.38
CA ILE A 42 -1.68 -5.21 -0.97
C ILE A 42 -0.84 -6.45 -0.71
N ASN A 43 -0.85 -7.38 -1.66
CA ASN A 43 -0.08 -8.61 -1.50
C ASN A 43 1.41 -8.33 -1.51
N ARG A 44 1.83 -7.39 -2.36
CA ARG A 44 3.24 -7.04 -2.47
C ARG A 44 3.77 -6.54 -1.13
N LEU A 45 2.92 -5.87 -0.38
CA LEU A 45 3.31 -5.34 0.92
C LEU A 45 3.60 -6.47 1.92
N PHE A 46 2.83 -7.56 1.85
CA PHE A 46 3.02 -8.68 2.74
C PHE A 46 4.27 -9.48 2.38
N GLU A 47 5.11 -8.91 1.52
CA GLU A 47 6.34 -9.57 1.09
C GLU A 47 7.49 -9.27 2.06
N ILE A 48 7.33 -8.17 2.81
CA ILE A 48 8.34 -7.74 3.79
C ILE A 48 7.75 -7.65 5.19
N GLU A 49 8.54 -8.04 6.17
CA GLU A 49 8.11 -8.00 7.56
C GLU A 49 7.96 -6.56 8.05
N GLY A 50 7.03 -6.34 8.98
CA GLY A 50 6.79 -5.02 9.56
C GLY A 50 5.34 -4.60 9.41
N VAL A 51 4.72 -4.96 8.28
CA VAL A 51 3.33 -4.60 8.05
C VAL A 51 2.44 -5.13 9.18
N LYS A 52 1.84 -4.22 9.94
CA LYS A 52 0.94 -4.60 11.02
C LYS A 52 -0.50 -4.62 10.53
N SER A 53 -0.86 -3.60 9.74
CA SER A 53 -2.20 -3.50 9.20
C SER A 53 -2.24 -2.48 8.07
N ILE A 54 -3.28 -2.55 7.24
CA ILE A 54 -3.47 -1.63 6.11
C ILE A 54 -4.89 -1.09 6.13
N PHE A 55 -5.01 0.23 5.90
CA PHE A 55 -6.32 0.89 5.91
C PHE A 55 -6.67 1.34 4.49
N TYR A 56 -7.88 0.99 4.04
CA TYR A 56 -8.36 1.37 2.71
C TYR A 56 -9.68 2.12 2.80
N VAL A 57 -9.67 3.36 2.33
CA VAL A 57 -10.86 4.20 2.34
C VAL A 57 -10.67 5.40 1.43
N LEU A 58 -11.75 5.83 0.81
CA LEU A 58 -11.72 6.97 -0.09
C LEU A 58 -10.81 6.70 -1.29
N ASP A 59 -9.91 7.64 -1.59
CA ASP A 59 -8.98 7.54 -2.72
C ASP A 59 -7.53 7.46 -2.23
N PHE A 60 -7.34 7.02 -0.97
CA PHE A 60 -5.98 6.92 -0.39
C PHE A 60 -5.94 5.73 0.57
N ILE A 61 -4.72 5.26 0.84
CA ILE A 61 -4.51 4.13 1.75
C ILE A 61 -3.41 4.47 2.74
N SER A 62 -3.50 3.91 3.95
CA SER A 62 -2.50 4.12 5.00
C SER A 62 -1.81 2.81 5.30
N ILE A 63 -0.49 2.79 5.15
CA ILE A 63 0.30 1.57 5.38
C ILE A 63 1.06 1.69 6.69
N ASP A 64 0.73 0.83 7.66
CA ASP A 64 1.38 0.84 8.97
C ASP A 64 2.42 -0.28 9.03
N LYS A 65 3.69 0.10 9.15
CA LYS A 65 4.79 -0.87 9.22
C LYS A 65 5.63 -0.65 10.46
N GLU A 66 6.28 -1.71 10.95
CA GLU A 66 7.12 -1.59 12.13
C GLU A 66 8.27 -0.63 11.86
N ASP A 67 8.96 -0.25 12.92
CA ASP A 67 10.08 0.67 12.81
C ASP A 67 11.24 0.01 12.04
N ASN A 68 11.21 -1.33 11.95
CA ASN A 68 12.27 -2.06 11.25
C ASN A 68 11.96 -2.14 9.75
N ALA A 69 10.89 -1.48 9.32
CA ALA A 69 10.48 -1.47 7.92
C ALA A 69 11.00 -0.22 7.23
N ASN A 70 11.26 -0.36 5.94
CA ASN A 70 11.78 0.74 5.14
C ASN A 70 11.09 0.78 3.78
N TRP A 71 10.54 1.94 3.43
CA TRP A 71 9.85 2.10 2.14
C TRP A 71 10.78 1.78 0.98
N ASN A 72 12.08 1.96 1.20
CA ASN A 72 13.07 1.70 0.16
C ASN A 72 12.94 0.27 -0.34
N GLU A 73 12.48 -0.62 0.54
CA GLU A 73 12.29 -2.02 0.16
C GLU A 73 10.98 -2.20 -0.57
N LEU A 74 9.95 -1.45 -0.17
CA LEU A 74 8.64 -1.57 -0.79
C LEU A 74 8.64 -1.03 -2.21
N LEU A 75 9.34 0.07 -2.41
CA LEU A 75 9.41 0.70 -3.72
C LEU A 75 9.52 -0.35 -4.85
N PRO A 76 10.58 -1.14 -4.87
CA PRO A 76 10.76 -2.18 -5.93
C PRO A 76 9.66 -3.26 -5.89
N GLN A 77 9.01 -3.45 -4.72
CA GLN A 77 7.95 -4.44 -4.61
C GLN A 77 6.65 -3.96 -5.25
N ILE A 78 6.20 -2.78 -4.85
CA ILE A 78 4.97 -2.22 -5.39
C ILE A 78 5.14 -1.85 -6.85
N GLU A 79 6.29 -1.28 -7.18
CA GLU A 79 6.59 -0.87 -8.55
C GLU A 79 6.31 -2.01 -9.51
N ASN A 80 6.44 -3.23 -9.02
CA ASN A 80 6.20 -4.40 -9.84
C ASN A 80 4.77 -4.38 -10.38
N THR A 81 3.84 -3.84 -9.58
CA THR A 81 2.45 -3.77 -10.01
C THR A 81 2.31 -2.87 -11.22
N PHE A 82 2.98 -1.72 -11.16
CA PHE A 82 2.93 -0.76 -12.27
C PHE A 82 3.55 -1.36 -13.52
N ALA A 83 4.59 -2.16 -13.35
CA ALA A 83 5.27 -2.78 -14.49
C ALA A 83 4.27 -3.37 -15.47
N LYS A 84 3.29 -4.11 -14.94
CA LYS A 84 2.28 -4.73 -15.79
C LYS A 84 1.47 -3.65 -16.51
N SER A 85 0.99 -2.67 -15.75
CA SER A 85 0.20 -1.60 -16.35
C SER A 85 1.00 -0.85 -17.41
N ASN A 86 2.20 -0.42 -17.04
CA ASN A 86 3.06 0.30 -17.97
C ASN A 86 4.46 0.47 -17.37
N MET A 1 -5.71 4.41 -10.80
CA MET A 1 -5.37 3.14 -10.09
C MET A 1 -3.86 2.94 -10.13
N GLU A 2 -3.12 4.03 -9.99
CA GLU A 2 -1.65 3.97 -10.01
C GLU A 2 -1.06 5.06 -9.14
N ILE A 3 0.01 4.72 -8.41
CA ILE A 3 0.64 5.70 -7.53
C ILE A 3 0.96 6.98 -8.29
N ILE A 4 0.36 8.07 -7.83
CA ILE A 4 0.58 9.38 -8.46
C ILE A 4 1.71 10.11 -7.75
N ALA A 5 1.78 9.92 -6.43
CA ALA A 5 2.80 10.59 -5.64
C ALA A 5 2.77 10.12 -4.20
N ILE A 6 3.91 10.16 -3.53
CA ILE A 6 4.00 9.72 -2.13
C ILE A 6 4.16 10.93 -1.24
N SER A 7 3.28 11.05 -0.25
CA SER A 7 3.34 12.17 0.70
C SER A 7 3.84 11.70 2.06
N GLU A 8 4.99 12.22 2.47
CA GLU A 8 5.56 11.87 3.76
C GLU A 8 4.78 12.52 4.88
N THR A 9 4.68 11.81 6.02
CA THR A 9 3.93 12.32 7.16
C THR A 9 4.85 12.43 8.38
N PRO A 10 4.38 13.08 9.42
CA PRO A 10 5.16 13.24 10.69
C PRO A 10 5.73 11.92 11.17
N ASN A 11 5.33 10.82 10.54
CA ASN A 11 5.81 9.49 10.93
C ASN A 11 7.03 9.12 10.12
N HIS A 12 7.65 8.00 10.47
CA HIS A 12 8.85 7.51 9.77
C HIS A 12 8.58 6.22 9.03
N ASN A 13 8.09 5.22 9.75
CA ASN A 13 7.82 3.91 9.16
C ASN A 13 6.48 3.91 8.45
N THR A 14 5.82 5.05 8.42
CA THR A 14 4.52 5.17 7.77
C THR A 14 4.56 6.27 6.71
N MET A 15 3.82 6.07 5.62
CA MET A 15 3.76 7.05 4.55
C MET A 15 2.38 7.10 3.93
N LYS A 16 2.04 8.25 3.35
CA LYS A 16 0.73 8.41 2.70
C LYS A 16 0.90 8.31 1.18
N VAL A 17 0.16 7.38 0.58
CA VAL A 17 0.22 7.20 -0.88
C VAL A 17 -1.02 7.80 -1.52
N SER A 18 -0.85 8.95 -2.19
CA SER A 18 -1.96 9.60 -2.87
C SER A 18 -2.09 9.09 -4.31
N LEU A 19 -3.31 8.79 -4.70
CA LEU A 19 -3.57 8.29 -6.04
C LEU A 19 -5.06 8.25 -6.33
N SER A 20 -5.41 8.20 -7.62
CA SER A 20 -6.82 8.13 -8.00
C SER A 20 -7.34 6.71 -7.90
N GLU A 21 -8.04 6.42 -6.80
CA GLU A 21 -8.62 5.08 -6.58
C GLU A 21 -10.09 5.21 -6.17
N PRO A 22 -10.86 5.93 -6.93
CA PRO A 22 -12.32 6.10 -6.64
C PRO A 22 -13.09 4.80 -6.78
N ARG A 23 -14.10 4.62 -5.95
CA ARG A 23 -14.93 3.42 -6.02
C ARG A 23 -16.31 3.68 -5.42
N GLN A 24 -17.33 3.13 -6.04
CA GLN A 24 -18.71 3.30 -5.56
C GLN A 24 -18.85 2.74 -4.15
N ASP A 25 -17.75 2.21 -3.62
CA ASP A 25 -17.76 1.64 -2.26
C ASP A 25 -16.51 2.04 -1.51
N ASN A 26 -16.23 3.34 -1.46
CA ASN A 26 -15.06 3.84 -0.76
C ASN A 26 -15.22 3.67 0.74
N SER A 27 -15.53 2.45 1.18
CA SER A 27 -15.71 2.17 2.60
C SER A 27 -14.36 2.04 3.28
N PHE A 28 -14.38 1.99 4.61
CA PHE A 28 -13.14 1.86 5.39
C PHE A 28 -12.97 0.44 5.88
N THR A 29 -11.81 -0.15 5.60
CA THR A 29 -11.53 -1.52 6.03
C THR A 29 -10.04 -1.77 6.00
N THR A 30 -9.57 -2.64 6.89
CA THR A 30 -8.15 -2.98 6.97
C THR A 30 -7.93 -4.47 6.82
N TYR A 31 -7.01 -4.84 5.93
CA TYR A 31 -6.69 -6.25 5.70
C TYR A 31 -5.20 -6.44 5.47
N THR A 32 -4.77 -7.69 5.45
CA THR A 32 -3.36 -8.00 5.20
C THR A 32 -3.18 -9.49 4.92
N ALA A 33 -2.74 -9.81 3.70
CA ALA A 33 -2.51 -11.20 3.33
C ALA A 33 -2.29 -11.31 1.82
N ALA A 34 -1.27 -12.06 1.42
CA ALA A 34 -1.00 -12.28 0.01
C ALA A 34 -1.74 -13.51 -0.50
N GLN A 35 -2.60 -13.32 -1.50
CA GLN A 35 -3.37 -14.42 -2.08
C GLN A 35 -3.63 -14.18 -3.56
N GLU A 36 -3.79 -15.27 -4.31
CA GLU A 36 -4.04 -15.17 -5.74
C GLU A 36 -5.41 -14.56 -6.00
N GLY A 37 -5.46 -13.56 -6.87
CA GLY A 37 -6.72 -12.90 -7.21
C GLY A 37 -6.98 -11.72 -6.30
N GLN A 38 -6.25 -11.67 -5.19
CA GLN A 38 -6.42 -10.58 -4.23
C GLN A 38 -5.51 -9.41 -4.58
N PRO A 39 -5.90 -8.20 -4.23
CA PRO A 39 -5.09 -6.98 -4.51
C PRO A 39 -3.59 -7.22 -4.37
N GLU A 40 -2.88 -7.12 -5.48
CA GLU A 40 -1.43 -7.33 -5.47
C GLU A 40 -0.75 -6.21 -4.70
N PHE A 41 -1.38 -5.04 -4.68
CA PHE A 41 -0.81 -3.88 -4.00
C PHE A 41 -0.63 -4.18 -2.51
N ILE A 42 -1.41 -5.13 -2.00
CA ILE A 42 -1.34 -5.51 -0.59
C ILE A 42 -0.53 -6.77 -0.40
N ASN A 43 -0.56 -7.65 -1.40
CA ASN A 43 0.16 -8.91 -1.32
C ASN A 43 1.66 -8.68 -1.23
N ARG A 44 2.15 -7.72 -2.01
CA ARG A 44 3.57 -7.42 -2.03
C ARG A 44 4.06 -7.02 -0.66
N LEU A 45 3.21 -6.36 0.10
CA LEU A 45 3.58 -5.91 1.43
C LEU A 45 3.83 -7.09 2.36
N PHE A 46 2.99 -8.13 2.23
CA PHE A 46 3.12 -9.29 3.10
C PHE A 46 4.41 -10.04 2.80
N GLU A 47 4.94 -9.86 1.61
CA GLU A 47 6.17 -10.54 1.22
C GLU A 47 7.35 -10.03 2.03
N ILE A 48 7.17 -8.89 2.68
CA ILE A 48 8.22 -8.30 3.50
C ILE A 48 7.77 -8.16 4.95
N GLU A 49 8.68 -8.44 5.88
CA GLU A 49 8.34 -8.33 7.30
C GLU A 49 8.29 -6.87 7.72
N GLY A 50 7.27 -6.53 8.52
CA GLY A 50 7.13 -5.16 9.03
C GLY A 50 5.69 -4.71 8.98
N VAL A 51 5.02 -5.02 7.86
CA VAL A 51 3.63 -4.61 7.70
C VAL A 51 2.75 -5.21 8.78
N LYS A 52 2.11 -4.35 9.56
CA LYS A 52 1.23 -4.82 10.63
C LYS A 52 -0.22 -4.80 10.14
N SER A 53 -0.60 -3.74 9.43
CA SER A 53 -1.96 -3.62 8.92
C SER A 53 -2.03 -2.52 7.88
N ILE A 54 -3.15 -2.49 7.12
CA ILE A 54 -3.33 -1.49 6.07
C ILE A 54 -4.73 -0.92 6.13
N PHE A 55 -4.89 0.31 5.67
CA PHE A 55 -6.21 0.95 5.66
C PHE A 55 -6.51 1.49 4.28
N TYR A 56 -7.71 1.16 3.77
CA TYR A 56 -8.14 1.61 2.44
C TYR A 56 -9.44 2.40 2.55
N VAL A 57 -9.42 3.64 2.08
CA VAL A 57 -10.60 4.48 2.11
C VAL A 57 -10.43 5.68 1.19
N LEU A 58 -11.53 6.16 0.62
CA LEU A 58 -11.49 7.30 -0.26
C LEU A 58 -10.54 7.07 -1.43
N ASP A 59 -9.61 8.02 -1.65
CA ASP A 59 -8.66 7.92 -2.74
C ASP A 59 -7.24 7.88 -2.21
N PHE A 60 -7.07 7.44 -0.97
CA PHE A 60 -5.73 7.37 -0.37
C PHE A 60 -5.66 6.15 0.55
N ILE A 61 -4.45 5.65 0.77
CA ILE A 61 -4.24 4.48 1.63
C ILE A 61 -3.15 4.77 2.65
N SER A 62 -3.29 4.18 3.83
CA SER A 62 -2.29 4.35 4.89
C SER A 62 -1.72 3.00 5.27
N ILE A 63 -0.41 2.84 5.10
CA ILE A 63 0.26 1.56 5.40
C ILE A 63 1.04 1.66 6.70
N ASP A 64 0.74 0.76 7.63
CA ASP A 64 1.43 0.72 8.92
C ASP A 64 2.48 -0.37 8.93
N LYS A 65 3.73 0.00 9.23
CA LYS A 65 4.82 -0.97 9.27
C LYS A 65 5.70 -0.76 10.49
N GLU A 66 6.36 -1.83 10.92
CA GLU A 66 7.23 -1.74 12.09
C GLU A 66 8.37 -0.75 11.83
N ASP A 67 9.10 -0.42 12.89
CA ASP A 67 10.23 0.50 12.77
C ASP A 67 11.35 -0.11 11.95
N ASN A 68 11.37 -1.45 11.86
CA ASN A 68 12.42 -2.14 11.12
C ASN A 68 12.08 -2.18 9.63
N ALA A 69 10.89 -1.71 9.29
CA ALA A 69 10.46 -1.71 7.90
C ALA A 69 11.02 -0.51 7.16
N ASN A 70 11.20 -0.65 5.85
CA ASN A 70 11.73 0.45 5.03
C ASN A 70 11.01 0.47 3.67
N TRP A 71 10.34 1.57 3.39
CA TRP A 71 9.61 1.72 2.13
C TRP A 71 10.55 1.55 0.95
N ASN A 72 11.84 1.75 1.19
CA ASN A 72 12.83 1.64 0.13
C ASN A 72 12.77 0.24 -0.51
N GLU A 73 12.50 -0.76 0.31
CA GLU A 73 12.41 -2.13 -0.18
C GLU A 73 11.11 -2.35 -0.92
N LEU A 74 10.05 -1.73 -0.46
CA LEU A 74 8.73 -1.88 -1.09
C LEU A 74 8.70 -1.22 -2.46
N LEU A 75 9.37 -0.08 -2.58
CA LEU A 75 9.39 0.65 -3.85
C LEU A 75 9.48 -0.30 -5.05
N PRO A 76 10.55 -1.02 -5.15
CA PRO A 76 10.76 -1.96 -6.30
C PRO A 76 9.71 -3.06 -6.34
N GLN A 77 9.15 -3.39 -5.18
CA GLN A 77 8.14 -4.45 -5.10
C GLN A 77 6.80 -3.98 -5.64
N ILE A 78 6.30 -2.88 -5.09
CA ILE A 78 5.01 -2.33 -5.49
C ILE A 78 5.08 -1.77 -6.90
N GLU A 79 6.16 -1.04 -7.19
CA GLU A 79 6.33 -0.42 -8.50
C GLU A 79 6.13 -1.45 -9.60
N ASN A 80 6.56 -2.68 -9.34
CA ASN A 80 6.41 -3.75 -10.32
C ASN A 80 4.94 -4.09 -10.52
N THR A 81 4.17 -4.02 -9.44
CA THR A 81 2.75 -4.35 -9.51
C THR A 81 2.04 -3.47 -10.53
N PHE A 82 2.30 -2.16 -10.47
CA PHE A 82 1.70 -1.23 -11.40
C PHE A 82 2.29 -1.39 -12.80
N ALA A 83 3.56 -1.75 -12.86
CA ALA A 83 4.22 -1.92 -14.15
C ALA A 83 3.56 -3.03 -14.95
N LYS A 84 3.33 -4.17 -14.31
CA LYS A 84 2.73 -5.32 -15.00
C LYS A 84 1.21 -5.18 -15.03
N SER A 85 0.70 -4.23 -14.28
CA SER A 85 -0.75 -4.02 -14.23
C SER A 85 -1.29 -3.65 -15.61
N ASN A 86 -0.60 -2.74 -16.29
CA ASN A 86 -1.02 -2.30 -17.62
C ASN A 86 -1.18 -3.51 -18.54
N MET A 1 -6.77 2.43 -7.92
CA MET A 1 -6.46 1.51 -9.04
C MET A 1 -4.94 1.39 -9.19
N GLU A 2 -4.28 2.54 -9.36
CA GLU A 2 -2.82 2.56 -9.52
C GLU A 2 -2.22 3.78 -8.82
N ILE A 3 -1.08 3.57 -8.16
CA ILE A 3 -0.41 4.67 -7.46
C ILE A 3 -0.23 5.87 -8.37
N ILE A 4 -0.30 7.07 -7.80
CA ILE A 4 -0.14 8.32 -8.56
C ILE A 4 0.99 9.15 -7.96
N ALA A 5 1.03 9.23 -6.65
CA ALA A 5 2.07 10.00 -5.97
C ALA A 5 2.15 9.60 -4.50
N ILE A 6 3.39 9.54 -4.00
CA ILE A 6 3.64 9.17 -2.60
C ILE A 6 4.03 10.40 -1.81
N SER A 7 3.29 10.68 -0.74
CA SER A 7 3.58 11.83 0.11
C SER A 7 4.20 11.38 1.42
N GLU A 8 5.51 11.55 1.54
CA GLU A 8 6.21 11.15 2.75
C GLU A 8 5.83 12.08 3.89
N THR A 9 5.96 11.59 5.12
CA THR A 9 5.61 12.38 6.31
C THR A 9 6.74 12.29 7.35
N PRO A 10 6.82 13.25 8.26
CA PRO A 10 7.88 13.26 9.32
C PRO A 10 7.72 12.10 10.31
N ASN A 11 7.21 10.96 9.82
CA ASN A 11 7.02 9.77 10.67
C ASN A 11 8.28 8.90 10.64
N HIS A 12 8.16 7.69 11.19
CA HIS A 12 9.29 6.76 11.24
C HIS A 12 9.08 5.57 10.30
N ASN A 13 7.84 5.07 10.25
CA ASN A 13 7.50 3.91 9.40
C ASN A 13 6.09 4.04 8.84
N THR A 14 5.53 5.26 8.90
CA THR A 14 4.17 5.53 8.39
C THR A 14 4.23 6.53 7.24
N MET A 15 3.66 6.15 6.09
CA MET A 15 3.66 7.02 4.91
C MET A 15 2.29 6.98 4.23
N LYS A 16 1.89 8.10 3.61
CA LYS A 16 0.59 8.19 2.93
C LYS A 16 0.77 8.02 1.42
N VAL A 17 -0.14 7.26 0.81
CA VAL A 17 -0.10 7.03 -0.64
C VAL A 17 -1.38 7.56 -1.26
N SER A 18 -1.29 8.67 -1.99
CA SER A 18 -2.46 9.28 -2.60
C SER A 18 -2.62 8.75 -4.02
N LEU A 19 -3.84 8.32 -4.37
CA LEU A 19 -4.08 7.79 -5.70
C LEU A 19 -5.57 7.62 -5.94
N SER A 20 -5.96 7.45 -7.20
CA SER A 20 -7.37 7.28 -7.54
C SER A 20 -7.79 5.83 -7.36
N GLU A 21 -8.76 5.61 -6.48
CA GLU A 21 -9.31 4.27 -6.22
C GLU A 21 -10.84 4.29 -6.26
N PRO A 22 -11.42 4.36 -7.44
CA PRO A 22 -12.92 4.38 -7.59
C PRO A 22 -13.56 3.11 -7.03
N ARG A 23 -14.74 3.27 -6.42
CA ARG A 23 -15.46 2.13 -5.87
C ARG A 23 -16.88 2.54 -5.54
N GLN A 24 -17.79 1.56 -5.51
CA GLN A 24 -19.19 1.84 -5.19
C GLN A 24 -19.31 2.82 -4.02
N ASP A 25 -18.77 2.44 -2.86
CA ASP A 25 -18.82 3.28 -1.66
C ASP A 25 -17.53 3.19 -0.84
N ASN A 26 -16.38 3.58 -1.45
CA ASN A 26 -15.06 3.55 -0.76
C ASN A 26 -15.19 3.61 0.75
N SER A 27 -15.43 2.44 1.36
CA SER A 27 -15.60 2.33 2.80
C SER A 27 -14.28 1.99 3.47
N PHE A 28 -14.35 1.32 4.62
CA PHE A 28 -13.15 0.92 5.37
C PHE A 28 -13.12 -0.59 5.58
N THR A 29 -11.93 -1.16 5.56
CA THR A 29 -11.75 -2.59 5.73
C THR A 29 -10.29 -2.89 5.99
N THR A 30 -9.97 -3.24 7.23
CA THR A 30 -8.59 -3.53 7.59
C THR A 30 -8.26 -4.98 7.25
N TYR A 31 -7.33 -5.17 6.31
CA TYR A 31 -6.91 -6.51 5.89
C TYR A 31 -5.40 -6.52 5.64
N THR A 32 -4.85 -7.72 5.51
CA THR A 32 -3.42 -7.88 5.22
C THR A 32 -3.11 -9.34 4.89
N ALA A 33 -2.74 -9.60 3.62
CA ALA A 33 -2.40 -10.95 3.20
C ALA A 33 -2.32 -11.04 1.67
N ALA A 34 -1.31 -11.73 1.17
CA ALA A 34 -1.16 -11.90 -0.27
C ALA A 34 -2.19 -12.89 -0.80
N GLN A 35 -3.12 -12.37 -1.61
CA GLN A 35 -4.18 -13.19 -2.20
C GLN A 35 -4.62 -12.61 -3.54
N GLU A 36 -5.02 -13.48 -4.46
CA GLU A 36 -5.46 -13.06 -5.78
C GLU A 36 -6.80 -12.34 -5.69
N GLY A 37 -6.97 -11.32 -6.53
CA GLY A 37 -8.21 -10.53 -6.57
C GLY A 37 -8.01 -9.14 -5.98
N GLN A 38 -7.03 -9.00 -5.08
CA GLN A 38 -6.74 -7.71 -4.44
C GLN A 38 -5.50 -7.06 -5.08
N PRO A 39 -5.45 -5.73 -5.17
CA PRO A 39 -4.28 -5.02 -5.77
C PRO A 39 -2.94 -5.62 -5.34
N GLU A 40 -2.13 -6.01 -6.32
CA GLU A 40 -0.81 -6.60 -6.04
C GLU A 40 -0.07 -5.80 -4.97
N PHE A 41 -0.44 -4.52 -4.84
CA PHE A 41 0.19 -3.65 -3.86
C PHE A 41 0.07 -4.25 -2.45
N ILE A 42 -1.10 -4.78 -2.15
CA ILE A 42 -1.33 -5.37 -0.83
C ILE A 42 -0.41 -6.57 -0.62
N ASN A 43 -0.34 -7.45 -1.62
CA ASN A 43 0.47 -8.65 -1.50
C ASN A 43 1.94 -8.33 -1.31
N ARG A 44 2.43 -7.32 -2.02
CA ARG A 44 3.82 -6.93 -1.92
C ARG A 44 4.15 -6.60 -0.47
N LEU A 45 3.32 -5.77 0.15
CA LEU A 45 3.53 -5.38 1.53
C LEU A 45 3.62 -6.62 2.42
N PHE A 46 2.80 -7.63 2.15
CA PHE A 46 2.81 -8.86 2.92
C PHE A 46 4.00 -9.74 2.51
N GLU A 47 4.97 -9.14 1.81
CA GLU A 47 6.17 -9.87 1.36
C GLU A 47 7.32 -9.69 2.35
N ILE A 48 7.40 -8.49 2.94
CA ILE A 48 8.47 -8.17 3.90
C ILE A 48 7.88 -7.91 5.28
N GLU A 49 8.57 -8.41 6.31
CA GLU A 49 8.13 -8.22 7.68
C GLU A 49 8.09 -6.75 8.04
N GLY A 50 7.02 -6.33 8.72
CA GLY A 50 6.89 -4.94 9.14
C GLY A 50 5.45 -4.48 9.07
N VAL A 51 4.75 -4.85 8.00
CA VAL A 51 3.37 -4.43 7.84
C VAL A 51 2.48 -5.06 8.91
N LYS A 52 1.94 -4.22 9.78
CA LYS A 52 1.05 -4.71 10.84
C LYS A 52 -0.36 -4.83 10.29
N SER A 53 -0.83 -3.76 9.63
CA SER A 53 -2.18 -3.76 9.06
C SER A 53 -2.28 -2.72 7.96
N ILE A 54 -3.20 -2.95 7.01
CA ILE A 54 -3.42 -2.04 5.89
C ILE A 54 -4.86 -1.54 5.87
N PHE A 55 -5.02 -0.23 5.63
CA PHE A 55 -6.35 0.38 5.58
C PHE A 55 -6.64 0.85 4.16
N TYR A 56 -7.90 0.71 3.74
CA TYR A 56 -8.32 1.13 2.39
C TYR A 56 -9.65 1.89 2.49
N VAL A 57 -9.62 3.16 2.09
CA VAL A 57 -10.81 3.99 2.11
C VAL A 57 -10.59 5.26 1.30
N LEU A 58 -11.62 5.73 0.64
CA LEU A 58 -11.53 6.95 -0.16
C LEU A 58 -10.44 6.82 -1.25
N ASP A 59 -9.93 7.97 -1.68
CA ASP A 59 -8.88 8.04 -2.71
C ASP A 59 -7.49 8.05 -2.07
N PHE A 60 -7.42 7.71 -0.79
CA PHE A 60 -6.13 7.67 -0.06
C PHE A 60 -6.10 6.49 0.89
N ILE A 61 -4.90 5.94 1.10
CA ILE A 61 -4.72 4.80 2.00
C ILE A 61 -3.63 5.09 3.01
N SER A 62 -3.64 4.35 4.12
CA SER A 62 -2.64 4.50 5.18
C SER A 62 -1.95 3.18 5.40
N ILE A 63 -0.61 3.19 5.42
CA ILE A 63 0.17 1.97 5.59
C ILE A 63 0.94 2.05 6.91
N ASP A 64 0.55 1.23 7.88
CA ASP A 64 1.20 1.21 9.19
C ASP A 64 2.15 0.02 9.29
N LYS A 65 3.46 0.30 9.30
CA LYS A 65 4.48 -0.75 9.39
C LYS A 65 5.38 -0.51 10.61
N GLU A 66 5.95 -1.59 11.14
CA GLU A 66 6.83 -1.47 12.29
C GLU A 66 8.10 -0.72 11.93
N ASP A 67 8.83 -0.27 12.94
CA ASP A 67 10.07 0.46 12.71
C ASP A 67 11.05 -0.36 11.89
N ASN A 68 10.96 -1.68 12.03
CA ASN A 68 11.85 -2.59 11.30
C ASN A 68 11.51 -2.58 9.80
N ALA A 69 10.55 -1.74 9.42
CA ALA A 69 10.13 -1.64 8.02
C ALA A 69 10.88 -0.51 7.32
N ASN A 70 11.19 -0.71 6.04
CA ASN A 70 11.92 0.31 5.26
C ASN A 70 11.35 0.37 3.83
N TRP A 71 10.90 1.56 3.43
CA TRP A 71 10.34 1.74 2.09
C TRP A 71 11.38 1.50 1.01
N ASN A 72 12.64 1.73 1.35
CA ASN A 72 13.73 1.54 0.40
C ASN A 72 13.74 0.11 -0.14
N GLU A 73 13.04 -0.77 0.55
CA GLU A 73 12.96 -2.18 0.15
C GLU A 73 11.69 -2.43 -0.68
N LEU A 74 10.61 -1.72 -0.35
CA LEU A 74 9.35 -1.88 -1.09
C LEU A 74 9.43 -1.22 -2.46
N LEU A 75 10.19 -0.14 -2.57
CA LEU A 75 10.34 0.57 -3.85
C LEU A 75 10.44 -0.43 -5.03
N PRO A 76 11.47 -1.26 -5.05
CA PRO A 76 11.66 -2.26 -6.16
C PRO A 76 10.53 -3.30 -6.21
N GLN A 77 9.87 -3.54 -5.09
CA GLN A 77 8.79 -4.52 -5.03
C GLN A 77 7.48 -3.94 -5.60
N ILE A 78 7.05 -2.82 -5.04
CA ILE A 78 5.81 -2.18 -5.48
C ILE A 78 5.93 -1.68 -6.92
N GLU A 79 7.09 -1.15 -7.29
CA GLU A 79 7.28 -0.65 -8.64
C GLU A 79 6.83 -1.68 -9.67
N ASN A 80 6.93 -2.96 -9.32
CA ASN A 80 6.51 -4.03 -10.22
C ASN A 80 4.98 -4.07 -10.38
N THR A 81 4.26 -3.58 -9.36
CA THR A 81 2.79 -3.59 -9.40
C THR A 81 2.24 -2.78 -10.56
N PHE A 82 2.75 -1.56 -10.73
CA PHE A 82 2.31 -0.67 -11.81
C PHE A 82 2.92 -1.12 -13.14
N ALA A 83 4.16 -1.61 -13.08
CA ALA A 83 4.86 -2.03 -14.29
C ALA A 83 4.05 -3.08 -15.03
N LYS A 84 3.40 -3.96 -14.28
CA LYS A 84 2.60 -5.02 -14.87
C LYS A 84 1.36 -4.42 -15.56
N SER A 85 1.22 -3.11 -15.49
CA SER A 85 0.08 -2.44 -16.12
C SER A 85 0.10 -2.67 -17.63
N ASN A 86 1.28 -2.78 -18.20
CA ASN A 86 1.42 -3.01 -19.62
C ASN A 86 0.65 -4.26 -20.04
#